data_7TCB
#
_entry.id   7TCB
#
_cell.length_a   83.024
_cell.length_b   47.687
_cell.length_c   115.519
_cell.angle_alpha   90.000
_cell.angle_beta   99.720
_cell.angle_gamma   90.000
#
_symmetry.space_group_name_H-M   'P 1 21 1'
#
loop_
_entity.id
_entity.type
_entity.pdbx_description
1 polymer 'YaeQ family protein VPA0551'
2 water water
#
_entity_poly.entity_id   1
_entity_poly.type   'polypeptide(L)'
_entity_poly.pdbx_seq_one_letter_code
;SNA(MSE)ALKPTIYKFRIALSD(MSE)NNDYYDSKNLTIALHPSEKPQR(MSE)LARILAFCLNAQKDLEFTKGLSTTE
EPDLWHVADDQSITHWIEIGEPEPDRIKKASRLAKQVKVYTYNTKAPVWWEK(MSE)SGKFS(MSE)LPVSVESFDYDAI
D(MSE)ICQHLDRGTNLSV(MSE)ITGTSIFVDVNDQHVEVTVKELQSHDAP
;
_entity_poly.pdbx_strand_id   A,B,C,D
#
# COMPACT_ATOMS: atom_id res chain seq x y z
N LYS A 7 15.22 48.86 11.25
CA LYS A 7 14.35 49.15 10.12
C LYS A 7 13.46 47.96 9.76
N PRO A 8 12.24 48.25 9.31
CA PRO A 8 11.31 47.17 8.96
C PRO A 8 11.73 46.47 7.67
N THR A 9 11.78 45.15 7.72
CA THR A 9 12.12 44.36 6.54
C THR A 9 10.88 44.20 5.66
N ILE A 10 11.05 44.45 4.36
CA ILE A 10 9.95 44.42 3.41
C ILE A 10 9.96 43.09 2.68
N TYR A 11 8.83 42.38 2.72
CA TYR A 11 8.65 41.13 2.02
C TYR A 11 7.55 41.28 0.97
N LYS A 12 7.76 40.68 -0.20
CA LYS A 12 6.76 40.66 -1.25
C LYS A 12 6.54 39.22 -1.67
N PHE A 13 5.28 38.78 -1.68
CA PHE A 13 4.92 37.40 -1.93
C PHE A 13 3.99 37.32 -3.13
N ARG A 14 4.41 36.58 -4.15
CA ARG A 14 3.60 36.31 -5.34
C ARG A 14 3.08 34.88 -5.21
N ILE A 15 1.80 34.74 -4.87
CA ILE A 15 1.22 33.47 -4.48
C ILE A 15 0.26 32.99 -5.55
N ALA A 16 0.40 31.73 -5.96
CA ALA A 16 -0.57 31.05 -6.82
C ALA A 16 -1.31 30.05 -5.94
N LEU A 17 -2.60 30.31 -5.70
CA LEU A 17 -3.38 29.55 -4.74
C LEU A 17 -4.25 28.52 -5.45
N SER A 18 -4.40 27.36 -4.82
CA SER A 18 -5.24 26.27 -5.33
C SER A 18 -5.93 25.62 -4.12
N ASP A 19 -7.21 25.94 -3.93
CA ASP A 19 -8.00 25.38 -2.83
C ASP A 19 -8.89 24.28 -3.42
N ASN A 21 -10.36 21.94 -1.72
CA ASN A 21 -11.46 21.59 -0.82
C ASN A 21 -12.69 22.43 -1.11
N ASN A 22 -12.52 23.73 -1.36
CA ASN A 22 -13.63 24.63 -1.60
C ASN A 22 -13.80 25.01 -3.06
N ASP A 23 -12.99 24.44 -3.96
CA ASP A 23 -13.03 24.74 -5.39
C ASP A 23 -12.83 26.24 -5.63
N TYR A 24 -11.67 26.74 -5.20
CA TYR A 24 -11.33 28.15 -5.31
C TYR A 24 -9.89 28.28 -5.77
N TYR A 25 -9.69 29.04 -6.85
CA TYR A 25 -8.37 29.24 -7.44
C TYR A 25 -8.18 30.70 -7.75
N ASP A 26 -7.07 31.27 -7.27
CA ASP A 26 -6.80 32.69 -7.44
C ASP A 26 -5.31 32.93 -7.27
N SER A 27 -4.86 34.07 -7.78
CA SER A 27 -3.47 34.51 -7.65
C SER A 27 -3.44 35.80 -6.86
N LYS A 28 -2.89 35.75 -5.65
CA LYS A 28 -2.83 36.88 -4.75
C LYS A 28 -1.40 37.39 -4.64
N ASN A 29 -1.22 38.70 -4.76
CA ASN A 29 0.06 39.34 -4.54
C ASN A 29 -0.02 40.14 -3.25
N LEU A 30 0.86 39.82 -2.30
CA LEU A 30 0.83 40.41 -0.97
C LEU A 30 2.20 41.00 -0.63
N THR A 31 2.18 42.15 0.03
CA THR A 31 3.40 42.80 0.52
C THR A 31 3.28 42.99 2.02
N ILE A 32 4.19 42.39 2.77
CA ILE A 32 4.15 42.39 4.23
C ILE A 32 5.42 43.05 4.76
N ALA A 33 5.27 43.80 5.85
CA ALA A 33 6.40 44.45 6.52
C ALA A 33 6.70 43.68 7.80
N LEU A 34 7.99 43.42 8.04
CA LEU A 34 8.43 42.65 9.19
C LEU A 34 9.39 43.46 10.04
N HIS A 35 9.22 43.38 11.37
CA HIS A 35 10.06 44.02 12.38
C HIS A 35 10.84 42.98 13.15
N PRO A 36 12.09 43.29 13.56
CA PRO A 36 12.91 42.29 14.27
C PRO A 36 12.25 41.70 15.51
N SER A 37 11.27 42.42 16.10
CA SER A 37 10.55 41.87 17.25
C SER A 37 9.70 40.67 16.83
N GLU A 38 8.95 40.80 15.75
CA GLU A 38 8.14 39.71 15.24
C GLU A 38 9.00 38.72 14.45
N LYS A 39 8.57 37.46 14.44
CA LYS A 39 9.34 36.44 13.76
C LYS A 39 8.70 36.07 12.42
N PRO A 40 9.49 35.62 11.46
CA PRO A 40 8.92 35.23 10.16
C PRO A 40 7.96 34.06 10.23
N GLN A 41 8.03 33.24 11.27
CA GLN A 41 7.13 32.10 11.38
C GLN A 41 5.69 32.56 11.58
N ARG A 42 5.48 33.60 12.40
CA ARG A 42 4.13 34.10 12.63
C ARG A 42 3.57 34.78 11.39
N LEU A 44 4.16 33.88 8.26
CA LEU A 44 3.72 32.82 7.36
C LEU A 44 2.41 32.21 7.83
N ALA A 45 2.24 32.07 9.14
CA ALA A 45 0.99 31.51 9.67
C ALA A 45 -0.20 32.39 9.32
N ARG A 46 0.00 33.71 9.32
CA ARG A 46 -1.07 34.62 8.92
C ARG A 46 -1.43 34.42 7.46
N ILE A 47 -0.42 34.18 6.61
CA ILE A 47 -0.66 33.99 5.19
C ILE A 47 -1.41 32.69 4.94
N LEU A 48 -1.05 31.62 5.65
CA LEU A 48 -1.72 30.34 5.48
C LEU A 48 -3.19 30.44 5.90
N ALA A 49 -3.47 31.17 6.98
CA ALA A 49 -4.86 31.41 7.36
C ALA A 49 -5.59 32.25 6.32
N PHE A 50 -4.88 33.19 5.68
CA PHE A 50 -5.49 33.93 4.58
C PHE A 50 -5.74 33.02 3.39
N CYS A 51 -4.86 32.03 3.16
CA CYS A 51 -5.05 31.10 2.07
C CYS A 51 -6.20 30.15 2.35
N LEU A 52 -6.34 29.71 3.61
CA LEU A 52 -7.45 28.83 3.98
C LEU A 52 -8.79 29.55 3.98
N ASN A 53 -8.80 30.87 4.15
CA ASN A 53 -10.03 31.65 4.23
C ASN A 53 -9.97 32.82 3.25
N ALA A 54 -9.66 32.53 1.99
CA ALA A 54 -9.52 33.59 0.99
C ALA A 54 -10.87 34.05 0.44
N GLN A 55 -11.87 33.17 0.45
CA GLN A 55 -13.20 33.54 -0.03
C GLN A 55 -13.92 34.49 0.92
N LYS A 56 -13.45 34.63 2.16
CA LYS A 56 -14.06 35.54 3.11
C LYS A 56 -13.70 37.00 2.85
N ASP A 57 -12.84 37.27 1.87
CA ASP A 57 -12.40 38.62 1.54
C ASP A 57 -11.78 39.29 2.77
N LEU A 58 -10.83 38.61 3.39
CA LEU A 58 -10.19 39.09 4.60
C LEU A 58 -9.14 40.15 4.28
N GLU A 59 -8.66 40.81 5.33
CA GLU A 59 -7.64 41.84 5.20
C GLU A 59 -6.70 41.77 6.39
N PHE A 60 -5.42 42.05 6.14
CA PHE A 60 -4.41 42.04 7.19
C PHE A 60 -4.52 43.32 8.03
N THR A 61 -4.00 43.23 9.25
CA THR A 61 -4.06 44.34 10.19
C THR A 61 -2.66 44.78 10.59
N LYS A 62 -2.58 45.94 11.21
CA LYS A 62 -1.33 46.51 11.68
C LYS A 62 -0.58 45.58 12.64
N THR A 67 -2.61 45.87 20.34
CA THR A 67 -2.49 44.55 19.74
C THR A 67 -3.82 43.80 19.85
N GLU A 68 -4.84 44.48 20.36
CA GLU A 68 -6.15 43.84 20.53
C GLU A 68 -6.80 43.57 19.17
N GLU A 69 -6.42 44.31 18.14
CA GLU A 69 -6.97 44.09 16.81
C GLU A 69 -6.65 42.66 16.33
N PRO A 70 -7.54 42.06 15.55
CA PRO A 70 -7.29 40.69 15.07
C PRO A 70 -6.17 40.63 14.06
N ASP A 71 -5.79 39.44 13.61
CA ASP A 71 -4.79 39.34 12.56
C ASP A 71 -5.42 39.54 11.18
N LEU A 72 -6.54 38.86 10.93
CA LEU A 72 -7.28 38.98 9.68
C LEU A 72 -8.74 39.22 10.01
N TRP A 73 -9.40 40.04 9.20
CA TRP A 73 -10.79 40.40 9.45
C TRP A 73 -11.45 40.86 8.16
N HIS A 74 -12.78 40.94 8.19
CA HIS A 74 -13.57 41.45 7.07
C HIS A 74 -14.68 42.32 7.66
N VAL A 75 -14.56 43.63 7.46
CA VAL A 75 -15.52 44.58 8.02
C VAL A 75 -16.61 44.84 6.98
N ALA A 76 -17.86 44.63 7.38
CA ALA A 76 -18.99 44.90 6.51
C ALA A 76 -19.28 46.40 6.47
N ASP A 77 -20.23 46.78 5.62
CA ASP A 77 -20.62 48.18 5.51
C ASP A 77 -21.29 48.69 6.78
N ASP A 78 -21.90 47.81 7.58
CA ASP A 78 -22.44 48.19 8.87
C ASP A 78 -21.37 48.28 9.95
N GLN A 79 -20.09 48.26 9.57
CA GLN A 79 -18.95 48.27 10.49
C GLN A 79 -18.99 47.10 11.47
N SER A 80 -19.73 46.04 11.14
CA SER A 80 -19.78 44.85 11.96
C SER A 80 -18.73 43.84 11.48
N ILE A 81 -17.91 43.37 12.42
CA ILE A 81 -16.84 42.42 12.09
C ILE A 81 -17.49 41.09 11.75
N THR A 82 -17.50 40.73 10.47
CA THR A 82 -18.10 39.46 10.07
C THR A 82 -17.19 38.28 10.39
N HIS A 83 -15.88 38.43 10.18
CA HIS A 83 -14.92 37.36 10.42
C HIS A 83 -13.75 37.88 11.26
N TRP A 84 -13.31 37.05 12.20
CA TRP A 84 -12.18 37.37 13.07
C TRP A 84 -11.22 36.18 13.03
N ILE A 85 -9.99 36.42 12.58
CA ILE A 85 -8.97 35.38 12.46
C ILE A 85 -7.81 35.78 13.36
N GLU A 86 -7.55 34.98 14.39
CA GLU A 86 -6.46 35.24 15.32
C GLU A 86 -5.38 34.18 15.10
N ILE A 87 -4.14 34.64 14.91
CA ILE A 87 -3.00 33.76 14.69
C ILE A 87 -2.14 33.79 15.95
N GLY A 88 -1.97 32.62 16.56
CA GLY A 88 -1.18 32.48 17.77
C GLY A 88 -1.90 31.61 18.76
N GLU A 89 -1.51 31.77 20.04
CA GLU A 89 -2.10 31.03 21.16
C GLU A 89 -2.73 32.07 22.10
N PRO A 90 -3.93 32.54 21.79
CA PRO A 90 -4.53 33.61 22.58
C PRO A 90 -5.14 33.11 23.87
N GLU A 91 -5.37 34.05 24.78
CA GLU A 91 -6.05 33.77 26.03
C GLU A 91 -7.56 33.61 25.79
N PRO A 92 -8.22 32.74 26.56
CA PRO A 92 -9.67 32.55 26.34
C PRO A 92 -10.50 33.81 26.58
N ASP A 93 -10.04 34.70 27.46
CA ASP A 93 -10.78 35.94 27.68
C ASP A 93 -10.73 36.84 26.46
N ARG A 94 -9.65 36.77 25.68
CA ARG A 94 -9.56 37.57 24.46
C ARG A 94 -10.53 37.06 23.41
N ILE A 95 -10.57 35.75 23.19
CA ILE A 95 -11.53 35.18 22.25
C ILE A 95 -12.95 35.34 22.78
N LYS A 96 -13.12 35.39 24.09
CA LYS A 96 -14.43 35.66 24.68
C LYS A 96 -14.95 37.02 24.26
N LYS A 97 -14.08 38.04 24.28
CA LYS A 97 -14.48 39.36 23.79
C LYS A 97 -14.66 39.35 22.28
N ALA A 98 -13.74 38.71 21.56
CA ALA A 98 -13.81 38.70 20.11
C ALA A 98 -15.06 37.99 19.60
N SER A 99 -15.54 36.98 20.33
CA SER A 99 -16.71 36.24 19.88
C SER A 99 -17.97 37.09 19.92
N ARG A 100 -18.01 38.10 20.79
CA ARG A 100 -19.17 38.99 20.82
C ARG A 100 -19.12 40.02 19.71
N LEU A 101 -17.94 40.57 19.42
CA LEU A 101 -17.82 41.59 18.39
C LEU A 101 -17.99 41.01 17.00
N ALA A 102 -17.57 39.77 16.79
CA ALA A 102 -17.53 39.16 15.47
C ALA A 102 -18.55 38.04 15.35
N LYS A 103 -19.02 37.82 14.12
CA LYS A 103 -19.93 36.71 13.86
C LYS A 103 -19.21 35.37 13.95
N GLN A 104 -18.14 35.21 13.19
CA GLN A 104 -17.32 33.99 13.19
C GLN A 104 -15.91 34.33 13.63
N VAL A 105 -15.39 33.58 14.60
CA VAL A 105 -14.02 33.72 15.07
C VAL A 105 -13.31 32.39 14.89
N LYS A 106 -12.18 32.41 14.20
CA LYS A 106 -11.38 31.22 13.95
C LYS A 106 -9.97 31.45 14.48
N VAL A 107 -9.43 30.46 15.19
CA VAL A 107 -8.12 30.54 15.80
C VAL A 107 -7.18 29.60 15.09
N TYR A 108 -5.99 30.10 14.74
CA TYR A 108 -4.94 29.31 14.09
C TYR A 108 -3.66 29.46 14.91
N THR A 109 -3.28 28.42 15.64
CA THR A 109 -2.03 28.43 16.36
C THR A 109 -0.91 27.86 15.50
N TYR A 110 0.32 28.27 15.81
CA TYR A 110 1.45 27.97 14.94
C TYR A 110 2.72 27.60 15.70
N ASN A 111 2.68 27.43 17.01
CA ASN A 111 3.87 27.17 17.81
C ASN A 111 3.87 25.76 18.36
N THR A 112 5.04 25.34 18.84
CA THR A 112 5.19 24.01 19.42
C THR A 112 4.55 23.89 20.79
N LYS A 113 4.29 25.01 21.47
CA LYS A 113 3.62 24.98 22.77
C LYS A 113 2.12 24.80 22.65
N ALA A 114 1.59 24.72 21.43
CA ALA A 114 0.13 24.64 21.24
C ALA A 114 -0.49 23.41 21.89
N PRO A 115 0.05 22.18 21.73
CA PRO A 115 -0.59 21.03 22.39
C PRO A 115 -0.67 21.17 23.91
N VAL A 116 0.35 21.74 24.53
CA VAL A 116 0.30 21.96 25.98
C VAL A 116 -0.64 23.11 26.30
N TRP A 117 -0.67 24.13 25.44
CA TRP A 117 -1.59 25.25 25.63
C TRP A 117 -3.03 24.79 25.51
N TRP A 118 -3.32 23.90 24.57
CA TRP A 118 -4.68 23.42 24.40
C TRP A 118 -5.13 22.53 25.55
N GLU A 119 -4.20 21.80 26.17
CA GLU A 119 -4.57 20.92 27.27
C GLU A 119 -5.07 21.70 28.48
N LYS A 120 -4.64 22.96 28.61
CA LYS A 120 -5.08 23.82 29.71
C LYS A 120 -6.26 24.71 29.33
N SER A 122 -8.55 23.92 26.99
CA SER A 122 -9.60 23.16 26.31
C SER A 122 -10.97 23.41 26.92
N GLY A 123 -11.05 23.46 28.25
CA GLY A 123 -12.33 23.67 28.91
C GLY A 123 -12.91 25.04 28.63
N LYS A 124 -12.08 26.08 28.70
CA LYS A 124 -12.57 27.43 28.46
C LYS A 124 -13.00 27.63 27.02
N PHE A 125 -12.19 27.15 26.06
CA PHE A 125 -12.52 27.33 24.66
C PHE A 125 -13.74 26.53 24.24
N SER A 126 -14.07 25.45 24.97
CA SER A 126 -15.31 24.74 24.70
C SER A 126 -16.54 25.54 25.07
N LEU A 128 -17.02 28.59 24.04
CA LEU A 128 -17.03 29.66 23.06
C LEU A 128 -17.36 29.10 21.69
N PRO A 129 -18.22 29.79 20.92
CA PRO A 129 -18.58 29.31 19.58
C PRO A 129 -17.55 29.68 18.52
N VAL A 130 -16.33 29.14 18.68
CA VAL A 130 -15.23 29.43 17.78
C VAL A 130 -14.62 28.12 17.32
N SER A 131 -13.75 28.21 16.31
CA SER A 131 -13.01 27.07 15.79
C SER A 131 -11.53 27.24 16.09
N VAL A 132 -10.90 26.15 16.54
CA VAL A 132 -9.49 26.15 16.90
C VAL A 132 -8.79 25.10 16.03
N GLU A 133 -7.83 25.55 15.22
CA GLU A 133 -7.07 24.68 14.34
C GLU A 133 -5.60 25.01 14.49
N SER A 134 -4.75 23.99 14.34
CA SER A 134 -3.33 24.10 14.64
C SER A 134 -2.49 23.87 13.39
N PHE A 135 -1.39 24.62 13.29
CA PHE A 135 -0.41 24.47 12.23
C PHE A 135 0.82 23.76 12.73
N ASP A 136 1.46 22.99 11.85
CA ASP A 136 2.74 22.37 12.16
C ASP A 136 3.83 23.44 12.13
N TYR A 137 4.48 23.67 13.26
CA TYR A 137 5.45 24.76 13.36
C TYR A 137 6.69 24.48 12.52
N ASP A 138 7.26 23.29 12.65
CA ASP A 138 8.51 22.99 11.95
C ASP A 138 8.35 23.07 10.44
N ALA A 139 7.16 22.75 9.93
CA ALA A 139 6.92 22.93 8.50
C ALA A 139 6.92 24.40 8.12
N ILE A 140 6.35 25.25 8.98
CA ILE A 140 6.37 26.69 8.72
C ILE A 140 7.79 27.23 8.82
N ASP A 141 8.56 26.73 9.79
CA ASP A 141 9.96 27.14 9.91
C ASP A 141 10.75 26.77 8.66
N ILE A 143 9.58 26.57 5.47
CA ILE A 143 9.22 27.53 4.43
C ILE A 143 9.94 28.86 4.65
N CYS A 144 10.20 29.21 5.92
CA CYS A 144 10.89 30.45 6.24
C CYS A 144 12.33 30.44 5.70
N GLN A 145 13.03 29.32 5.90
CA GLN A 145 14.44 29.26 5.56
C GLN A 145 14.68 29.52 4.07
N HIS A 146 13.72 29.16 3.23
CA HIS A 146 13.83 29.33 1.79
C HIS A 146 13.08 30.57 1.29
N LEU A 147 12.77 31.50 2.18
CA LEU A 147 12.06 32.73 1.81
C LEU A 147 13.07 33.80 1.42
N ASP A 148 12.97 34.29 0.19
CA ASP A 148 13.75 35.44 -0.22
C ASP A 148 13.04 36.72 0.20
N ARG A 149 13.69 37.86 -0.04
CA ARG A 149 13.04 39.14 0.23
C ARG A 149 11.82 39.31 -0.67
N GLY A 150 11.89 38.79 -1.89
CA GLY A 150 10.73 38.65 -2.76
C GLY A 150 10.59 37.21 -3.22
N THR A 151 9.59 36.51 -2.71
CA THR A 151 9.46 35.07 -2.91
C THR A 151 8.17 34.75 -3.66
N ASN A 152 8.27 33.89 -4.66
CA ASN A 152 7.12 33.40 -5.42
C ASN A 152 6.69 32.07 -4.82
N LEU A 153 5.51 32.05 -4.20
CA LEU A 153 5.00 30.87 -3.52
C LEU A 153 3.85 30.26 -4.31
N SER A 154 3.60 28.98 -4.04
CA SER A 154 2.46 28.26 -4.60
C SER A 154 1.82 27.46 -3.47
N VAL A 155 0.58 27.79 -3.13
CA VAL A 155 -0.11 27.19 -1.99
C VAL A 155 -1.18 26.24 -2.52
N ILE A 157 -4.08 23.52 -1.21
CA ILE A 157 -4.88 23.16 -0.05
C ILE A 157 -5.71 21.94 -0.40
N THR A 158 -5.55 20.87 0.38
CA THR A 158 -6.32 19.66 0.19
C THR A 158 -6.38 18.89 1.51
N GLY A 159 -7.52 18.28 1.77
CA GLY A 159 -7.68 17.51 3.00
C GLY A 159 -7.45 18.36 4.23
N THR A 160 -6.58 17.88 5.11
CA THR A 160 -6.21 18.58 6.33
C THR A 160 -4.76 19.08 6.29
N SER A 161 -4.20 19.27 5.10
CA SER A 161 -2.81 19.67 4.96
C SER A 161 -2.70 20.77 3.92
N ILE A 162 -1.60 21.53 4.02
CA ILE A 162 -1.29 22.61 3.08
C ILE A 162 0.08 22.34 2.50
N PHE A 163 0.14 22.18 1.18
CA PHE A 163 1.40 21.91 0.48
C PHE A 163 1.88 23.20 -0.17
N VAL A 164 3.04 23.68 0.26
CA VAL A 164 3.59 24.97 -0.18
C VAL A 164 4.85 24.71 -0.99
N ASP A 165 4.91 25.29 -2.18
CA ASP A 165 6.10 25.25 -3.03
C ASP A 165 6.80 26.60 -2.92
N VAL A 166 7.99 26.62 -2.32
CA VAL A 166 8.76 27.84 -2.11
C VAL A 166 10.17 27.58 -2.61
N ASN A 167 10.56 28.28 -3.69
CA ASN A 167 11.89 28.11 -4.29
C ASN A 167 12.17 26.64 -4.60
N ASP A 168 11.21 26.02 -5.30
CA ASP A 168 11.27 24.62 -5.72
C ASP A 168 11.17 23.65 -4.56
N GLN A 169 11.39 24.13 -3.34
CA GLN A 169 11.22 23.28 -2.16
C GLN A 169 9.75 23.06 -1.86
N HIS A 170 9.38 21.82 -1.56
CA HIS A 170 8.01 21.44 -1.28
C HIS A 170 7.88 21.05 0.18
N VAL A 171 6.98 21.72 0.89
CA VAL A 171 6.76 21.51 2.31
C VAL A 171 5.27 21.28 2.55
N GLU A 172 4.95 20.25 3.32
CA GLU A 172 3.57 19.94 3.70
C GLU A 172 3.32 20.48 5.11
N VAL A 173 2.25 21.26 5.26
CA VAL A 173 1.86 21.84 6.53
C VAL A 173 0.52 21.24 6.91
N THR A 174 0.49 20.43 7.96
CA THR A 174 -0.74 19.81 8.42
C THR A 174 -1.57 20.78 9.24
N VAL A 175 -2.88 20.63 9.17
CA VAL A 175 -3.83 21.49 9.87
C VAL A 175 -4.63 20.57 10.81
N LYS A 176 -4.17 20.45 12.05
CA LYS A 176 -4.88 19.66 13.04
C LYS A 176 -6.07 20.46 13.60
N GLU A 177 -7.21 19.79 13.70
CA GLU A 177 -8.42 20.42 14.23
C GLU A 177 -8.50 20.17 15.74
N LEU A 178 -8.55 21.26 16.51
CA LEU A 178 -8.70 21.17 17.95
C LEU A 178 -10.14 21.42 18.41
N GLN A 179 -10.89 22.24 17.68
CA GLN A 179 -12.27 22.53 18.03
C GLN A 179 -13.00 23.00 16.77
N SER A 180 -14.13 22.38 16.48
CA SER A 180 -14.93 22.69 15.31
C SER A 180 -16.03 23.69 15.68
N HIS A 181 -16.80 24.09 14.68
CA HIS A 181 -17.86 25.08 14.87
C HIS A 181 -18.99 24.88 13.86
N LEU B 6 -7.48 13.30 -41.59
CA LEU B 6 -7.00 12.05 -42.17
C LEU B 6 -5.49 11.91 -41.91
N LYS B 7 -4.94 12.86 -41.17
CA LYS B 7 -3.53 12.88 -40.80
C LYS B 7 -3.40 13.02 -39.30
N PRO B 8 -2.31 12.51 -38.72
CA PRO B 8 -2.14 12.58 -37.27
C PRO B 8 -2.07 14.03 -36.78
N THR B 9 -2.55 14.24 -35.56
CA THR B 9 -2.54 15.55 -34.91
C THR B 9 -1.49 15.54 -33.81
N ILE B 10 -0.61 16.54 -33.83
CA ILE B 10 0.50 16.62 -32.87
C ILE B 10 0.03 17.41 -31.66
N TYR B 11 0.38 16.91 -30.47
CA TYR B 11 0.01 17.52 -29.20
C TYR B 11 1.26 17.69 -28.34
N LYS B 12 1.66 18.93 -28.12
CA LYS B 12 2.76 19.25 -27.21
C LYS B 12 2.20 19.54 -25.83
N PHE B 13 2.74 18.87 -24.81
CA PHE B 13 2.25 19.01 -23.45
C PHE B 13 3.38 19.46 -22.53
N ARG B 14 3.13 20.53 -21.79
CA ARG B 14 4.06 21.04 -20.78
C ARG B 14 3.35 20.86 -19.43
N ILE B 15 3.64 19.74 -18.77
CA ILE B 15 2.90 19.30 -17.61
C ILE B 15 3.73 19.54 -16.36
N ALA B 16 3.13 20.17 -15.36
CA ALA B 16 3.73 20.36 -14.04
C ALA B 16 3.00 19.42 -13.07
N LEU B 17 3.69 18.35 -12.67
CA LEU B 17 3.07 17.31 -11.86
C LEU B 17 3.22 17.62 -10.38
N SER B 18 2.11 17.51 -9.65
CA SER B 18 2.08 17.72 -8.19
C SER B 18 1.36 16.53 -7.56
N ASP B 19 2.13 15.50 -7.20
CA ASP B 19 1.57 14.29 -6.60
C ASP B 19 1.69 14.42 -5.09
N ASN B 21 -0.07 12.53 -2.88
CA ASN B 21 -0.14 11.21 -2.25
C ASN B 21 1.25 10.61 -2.08
N ASN B 22 2.12 10.78 -3.07
CA ASN B 22 3.48 10.25 -3.03
C ASN B 22 4.52 11.32 -2.74
N ASP B 23 4.10 12.58 -2.60
CA ASP B 23 5.00 13.71 -2.36
C ASP B 23 6.10 13.76 -3.42
N TYR B 24 5.68 13.66 -4.68
CA TYR B 24 6.58 13.69 -5.83
C TYR B 24 6.17 14.84 -6.75
N TYR B 25 7.15 15.67 -7.11
CA TYR B 25 6.89 16.87 -7.90
C TYR B 25 7.92 16.96 -9.02
N ASP B 26 7.45 17.20 -10.24
CA ASP B 26 8.32 17.32 -11.40
C ASP B 26 7.55 17.98 -12.52
N SER B 27 8.28 18.42 -13.54
CA SER B 27 7.71 19.01 -14.74
C SER B 27 8.09 18.15 -15.94
N LYS B 28 7.08 17.63 -16.63
CA LYS B 28 7.28 16.72 -17.74
C LYS B 28 6.86 17.39 -19.05
N ASN B 29 7.69 17.23 -20.08
CA ASN B 29 7.40 17.73 -21.42
C ASN B 29 7.07 16.54 -22.31
N LEU B 30 5.85 16.52 -22.84
CA LEU B 30 5.34 15.39 -23.60
C LEU B 30 4.99 15.82 -25.02
N THR B 31 5.36 14.99 -25.99
CA THR B 31 5.02 15.20 -27.40
C THR B 31 4.44 13.90 -27.94
N ILE B 32 3.13 13.89 -28.18
CA ILE B 32 2.42 12.69 -28.63
C ILE B 32 1.74 12.98 -29.95
N ALA B 33 1.91 12.07 -30.91
CA ALA B 33 1.21 12.13 -32.18
C ALA B 33 -0.03 11.25 -32.09
N LEU B 34 -1.21 11.87 -32.17
CA LEU B 34 -2.46 11.14 -32.05
C LEU B 34 -2.85 10.54 -33.39
N HIS B 35 -3.01 9.22 -33.43
CA HIS B 35 -3.47 8.57 -34.65
C HIS B 35 -4.91 8.99 -34.93
N PRO B 36 -5.26 9.22 -36.20
CA PRO B 36 -6.63 9.71 -36.50
C PRO B 36 -7.74 8.77 -36.10
N SER B 37 -7.44 7.48 -35.87
CA SER B 37 -8.46 6.54 -35.43
C SER B 37 -8.69 6.59 -33.93
N GLU B 38 -7.76 7.16 -33.17
CA GLU B 38 -7.89 7.24 -31.72
C GLU B 38 -8.51 8.57 -31.31
N LYS B 39 -9.40 8.52 -30.33
CA LYS B 39 -10.02 9.73 -29.83
C LYS B 39 -9.03 10.52 -28.95
N PRO B 40 -9.18 11.84 -28.88
CA PRO B 40 -8.32 12.63 -27.99
C PRO B 40 -8.59 12.37 -26.51
N GLN B 41 -9.70 11.72 -26.16
CA GLN B 41 -9.95 11.40 -24.76
C GLN B 41 -9.14 10.22 -24.28
N ARG B 42 -8.86 9.26 -25.17
CA ARG B 42 -8.07 8.10 -24.77
C ARG B 42 -6.62 8.49 -24.48
N LEU B 44 -5.66 11.26 -23.34
CA LEU B 44 -5.67 11.97 -22.07
C LEU B 44 -5.69 10.99 -20.89
N ALA B 45 -6.42 9.90 -21.03
CA ALA B 45 -6.38 8.86 -20.02
C ALA B 45 -4.99 8.24 -19.91
N ARG B 46 -4.25 8.15 -21.01
CA ARG B 46 -2.88 7.66 -20.93
C ARG B 46 -1.97 8.67 -20.27
N ILE B 47 -2.24 9.97 -20.43
CA ILE B 47 -1.45 10.99 -19.76
C ILE B 47 -1.71 10.98 -18.27
N LEU B 48 -2.98 10.86 -17.87
CA LEU B 48 -3.31 10.81 -16.45
C LEU B 48 -2.75 9.56 -15.78
N ALA B 49 -2.84 8.41 -16.47
CA ALA B 49 -2.24 7.20 -15.94
C ALA B 49 -0.72 7.33 -15.83
N PHE B 50 -0.10 8.04 -16.78
CA PHE B 50 1.33 8.30 -16.67
C PHE B 50 1.64 9.18 -15.46
N CYS B 51 0.84 10.23 -15.25
CA CYS B 51 1.04 11.10 -14.10
C CYS B 51 0.85 10.35 -12.79
N LEU B 52 -0.10 9.40 -12.75
CA LEU B 52 -0.32 8.61 -11.54
C LEU B 52 0.83 7.66 -11.25
N ASN B 53 1.61 7.29 -12.26
CA ASN B 53 2.70 6.33 -12.08
C ASN B 53 3.99 6.87 -12.70
N ALA B 54 4.23 8.18 -12.55
CA ALA B 54 5.40 8.79 -13.15
C ALA B 54 6.69 8.35 -12.49
N GLN B 55 6.63 7.98 -11.20
CA GLN B 55 7.84 7.54 -10.51
C GLN B 55 8.31 6.15 -10.93
N LYS B 56 7.51 5.44 -11.73
CA LYS B 56 7.91 4.15 -12.28
C LYS B 56 8.64 4.30 -13.61
N ASP B 57 9.20 5.49 -13.88
CA ASP B 57 9.85 5.87 -15.13
C ASP B 57 9.25 5.15 -16.34
N LEU B 58 7.99 5.44 -16.64
CA LEU B 58 7.31 4.80 -17.76
C LEU B 58 7.64 5.51 -19.07
N GLU B 59 7.31 4.84 -20.17
CA GLU B 59 7.48 5.40 -21.50
C GLU B 59 6.25 5.08 -22.34
N PHE B 60 5.93 5.98 -23.26
CA PHE B 60 4.74 5.85 -24.08
C PHE B 60 5.02 4.99 -25.31
N THR B 61 4.03 4.20 -25.69
CA THR B 61 4.09 3.38 -26.89
C THR B 61 3.19 3.99 -27.95
N LYS B 62 3.75 4.29 -29.12
CA LYS B 62 3.00 4.95 -30.18
C LYS B 62 1.95 4.02 -30.76
N GLY B 63 0.70 4.49 -30.81
CA GLY B 63 -0.39 3.70 -31.35
C GLY B 63 -0.79 2.54 -30.47
N THR B 67 -1.48 -2.88 -30.36
CA THR B 67 -2.68 -3.48 -29.75
C THR B 67 -2.28 -4.61 -28.82
N GLU B 68 -1.29 -5.40 -29.21
CA GLU B 68 -0.78 -6.49 -28.40
C GLU B 68 0.26 -6.04 -27.39
N GLU B 69 0.43 -4.73 -27.21
CA GLU B 69 1.41 -4.15 -26.32
C GLU B 69 0.71 -3.16 -25.39
N PRO B 70 1.29 -2.88 -24.23
CA PRO B 70 0.65 -1.93 -23.31
C PRO B 70 0.85 -0.50 -23.77
N ASP B 71 0.04 0.40 -23.19
CA ASP B 71 0.16 1.81 -23.52
C ASP B 71 1.32 2.46 -22.77
N LEU B 72 1.55 2.05 -21.53
CA LEU B 72 2.65 2.52 -20.71
C LEU B 72 3.36 1.31 -20.13
N TRP B 73 4.69 1.29 -20.19
CA TRP B 73 5.44 0.17 -19.67
C TRP B 73 6.84 0.63 -19.26
N HIS B 74 7.56 -0.27 -18.60
CA HIS B 74 8.93 -0.02 -18.18
C HIS B 74 9.70 -1.32 -18.22
N VAL B 75 10.82 -1.33 -18.93
CA VAL B 75 11.65 -2.52 -19.07
C VAL B 75 12.80 -2.43 -18.07
N ALA B 76 13.22 -3.58 -17.55
CA ALA B 76 14.26 -3.65 -16.55
C ALA B 76 15.62 -3.84 -17.21
N ASP B 77 16.66 -3.99 -16.37
CA ASP B 77 18.00 -4.21 -16.90
C ASP B 77 18.16 -5.58 -17.54
N ASP B 78 17.35 -6.56 -17.13
CA ASP B 78 17.32 -7.86 -17.79
C ASP B 78 16.25 -7.94 -18.88
N GLN B 79 15.71 -6.80 -19.29
CA GLN B 79 14.76 -6.67 -20.40
C GLN B 79 13.43 -7.38 -20.13
N SER B 80 13.06 -7.57 -18.86
CA SER B 80 11.74 -8.04 -18.53
C SER B 80 10.83 -6.85 -18.23
N ILE B 81 9.56 -6.99 -18.61
CA ILE B 81 8.60 -5.90 -18.44
C ILE B 81 8.30 -5.73 -16.95
N THR B 82 8.73 -4.60 -16.39
CA THR B 82 8.51 -4.35 -14.97
C THR B 82 7.07 -3.92 -14.70
N HIS B 83 6.56 -2.99 -15.49
CA HIS B 83 5.21 -2.48 -15.33
C HIS B 83 4.47 -2.53 -16.67
N TRP B 84 3.18 -2.86 -16.62
CA TRP B 84 2.35 -3.03 -17.81
C TRP B 84 1.02 -2.34 -17.53
N ILE B 85 0.89 -1.10 -18.00
CA ILE B 85 -0.30 -0.28 -17.75
C ILE B 85 -1.10 -0.21 -19.04
N GLU B 86 -2.35 -0.69 -18.99
CA GLU B 86 -3.25 -0.64 -20.13
C GLU B 86 -4.36 0.37 -19.86
N ILE B 87 -4.79 1.05 -20.92
CA ILE B 87 -5.87 2.03 -20.86
C ILE B 87 -7.04 1.49 -21.68
N GLY B 88 -8.20 1.37 -21.05
CA GLY B 88 -9.40 0.90 -21.69
C GLY B 88 -10.07 -0.17 -20.84
N GLU B 89 -10.94 -0.95 -21.48
CA GLU B 89 -11.66 -2.06 -20.85
C GLU B 89 -11.29 -3.34 -21.59
N PRO B 90 -10.16 -3.96 -21.27
CA PRO B 90 -9.68 -5.10 -22.04
C PRO B 90 -10.34 -6.41 -21.60
N GLU B 91 -10.16 -7.42 -22.44
CA GLU B 91 -10.65 -8.75 -22.13
C GLU B 91 -9.79 -9.41 -21.05
N PRO B 92 -10.36 -10.35 -20.28
CA PRO B 92 -9.56 -10.98 -19.22
C PRO B 92 -8.40 -11.80 -19.73
N ASP B 93 -8.55 -12.47 -20.87
CA ASP B 93 -7.45 -13.28 -21.40
C ASP B 93 -6.25 -12.41 -21.79
N ARG B 94 -6.50 -11.18 -22.25
CA ARG B 94 -5.41 -10.27 -22.55
C ARG B 94 -4.61 -9.93 -21.28
N ILE B 95 -5.32 -9.52 -20.22
CA ILE B 95 -4.64 -9.23 -18.97
C ILE B 95 -4.08 -10.50 -18.35
N LYS B 96 -4.71 -11.65 -18.61
CA LYS B 96 -4.17 -12.93 -18.17
C LYS B 96 -2.77 -13.15 -18.74
N LYS B 97 -2.62 -12.98 -20.06
CA LYS B 97 -1.31 -13.16 -20.68
C LYS B 97 -0.34 -12.08 -20.23
N ALA B 98 -0.82 -10.84 -20.06
CA ALA B 98 0.04 -9.75 -19.65
C ALA B 98 0.56 -9.94 -18.22
N SER B 99 -0.21 -10.64 -17.38
CA SER B 99 0.22 -10.86 -16.00
C SER B 99 1.42 -11.79 -15.93
N ARG B 100 1.54 -12.73 -16.87
CA ARG B 100 2.71 -13.61 -16.90
C ARG B 100 3.91 -12.97 -17.55
N LEU B 101 3.71 -11.95 -18.38
CA LEU B 101 4.81 -11.29 -19.07
C LEU B 101 5.38 -10.10 -18.30
N ALA B 102 4.62 -9.56 -17.34
CA ALA B 102 5.06 -8.40 -16.58
C ALA B 102 4.84 -8.63 -15.10
N LYS B 103 5.69 -8.00 -14.29
CA LYS B 103 5.63 -8.18 -12.84
C LYS B 103 4.42 -7.47 -12.24
N GLN B 104 4.12 -6.26 -12.72
CA GLN B 104 2.98 -5.48 -12.24
C GLN B 104 2.18 -5.01 -13.44
N VAL B 105 0.87 -5.28 -13.42
CA VAL B 105 -0.03 -4.92 -14.50
C VAL B 105 -1.15 -4.05 -13.92
N LYS B 106 -1.36 -2.88 -14.52
CA LYS B 106 -2.39 -1.94 -14.10
C LYS B 106 -3.37 -1.70 -15.24
N VAL B 107 -4.64 -1.54 -14.91
CA VAL B 107 -5.69 -1.28 -15.88
C VAL B 107 -6.43 -0.01 -15.47
N TYR B 108 -6.55 0.93 -16.41
CA TYR B 108 -7.27 2.18 -16.21
C TYR B 108 -8.36 2.30 -17.26
N THR B 109 -9.62 2.30 -16.83
CA THR B 109 -10.75 2.46 -17.72
C THR B 109 -11.18 3.92 -17.76
N TYR B 110 -11.75 4.33 -18.89
CA TYR B 110 -12.19 5.71 -19.09
C TYR B 110 -13.58 5.85 -19.69
N ASN B 111 -14.10 4.84 -20.38
CA ASN B 111 -15.41 4.94 -20.99
C ASN B 111 -16.51 4.81 -19.95
N THR B 112 -17.73 5.21 -20.34
CA THR B 112 -18.87 5.14 -19.45
C THR B 112 -19.41 3.73 -19.28
N LYS B 113 -19.08 2.81 -20.18
CA LYS B 113 -19.54 1.44 -20.09
C LYS B 113 -18.66 0.57 -19.21
N ALA B 114 -17.72 1.17 -18.49
CA ALA B 114 -16.86 0.40 -17.59
C ALA B 114 -17.63 -0.26 -16.44
N PRO B 115 -18.60 0.38 -15.78
CA PRO B 115 -19.38 -0.34 -14.77
C PRO B 115 -20.10 -1.57 -15.32
N VAL B 116 -20.63 -1.48 -16.55
CA VAL B 116 -21.25 -2.66 -17.16
C VAL B 116 -20.18 -3.68 -17.55
N TRP B 117 -19.05 -3.20 -18.08
CA TRP B 117 -17.96 -4.10 -18.44
C TRP B 117 -17.38 -4.79 -17.22
N TRP B 118 -17.33 -4.10 -16.08
CA TRP B 118 -16.73 -4.68 -14.88
C TRP B 118 -17.62 -5.78 -14.30
N GLU B 119 -18.94 -5.58 -14.29
CA GLU B 119 -19.83 -6.58 -13.74
C GLU B 119 -19.78 -7.87 -14.52
N LYS B 120 -19.45 -7.81 -15.82
CA LYS B 120 -19.34 -9.00 -16.64
C LYS B 120 -17.97 -9.64 -16.53
N SER B 122 -15.73 -9.02 -13.56
CA SER B 122 -15.17 -8.95 -12.21
C SER B 122 -14.80 -10.33 -11.66
N GLY B 123 -15.50 -11.37 -12.11
CA GLY B 123 -15.21 -12.71 -11.61
C GLY B 123 -13.85 -13.21 -12.04
N LYS B 124 -13.54 -13.08 -13.32
CA LYS B 124 -12.26 -13.58 -13.82
C LYS B 124 -11.10 -12.66 -13.43
N PHE B 125 -11.34 -11.34 -13.41
CA PHE B 125 -10.27 -10.42 -13.02
C PHE B 125 -9.88 -10.57 -11.56
N SER B 126 -10.77 -11.11 -10.71
CA SER B 126 -10.43 -11.28 -9.30
C SER B 126 -9.36 -12.35 -9.10
N LEU B 128 -6.70 -12.63 -11.15
CA LEU B 128 -5.45 -12.07 -11.63
C LEU B 128 -4.83 -11.13 -10.60
N PRO B 129 -3.49 -11.09 -10.53
CA PRO B 129 -2.77 -10.18 -9.63
C PRO B 129 -2.58 -8.79 -10.21
N VAL B 130 -3.67 -8.18 -10.67
CA VAL B 130 -3.63 -6.88 -11.34
C VAL B 130 -4.59 -5.94 -10.63
N SER B 131 -4.36 -4.65 -10.84
CA SER B 131 -5.21 -3.60 -10.29
C SER B 131 -6.08 -3.02 -11.40
N VAL B 132 -7.32 -2.68 -11.05
CA VAL B 132 -8.29 -2.13 -12.00
C VAL B 132 -8.85 -0.85 -11.41
N GLU B 133 -8.64 0.27 -12.12
CA GLU B 133 -9.14 1.56 -11.70
C GLU B 133 -9.91 2.19 -12.87
N SER B 134 -10.74 3.18 -12.54
CA SER B 134 -11.64 3.78 -13.52
C SER B 134 -11.62 5.29 -13.41
N PHE B 135 -11.38 5.96 -14.54
CA PHE B 135 -11.60 7.39 -14.68
C PHE B 135 -13.04 7.63 -15.13
N ASP B 136 -13.51 8.85 -14.90
CA ASP B 136 -14.83 9.27 -15.38
C ASP B 136 -14.69 9.98 -16.72
N TYR B 137 -15.56 9.62 -17.66
CA TYR B 137 -15.42 10.11 -19.03
C TYR B 137 -15.78 11.58 -19.15
N ASP B 138 -16.68 12.08 -18.31
CA ASP B 138 -17.11 13.47 -18.40
C ASP B 138 -15.97 14.42 -18.09
N ALA B 139 -15.23 14.16 -17.00
CA ALA B 139 -14.08 15.00 -16.69
C ALA B 139 -12.99 14.85 -17.74
N ILE B 140 -12.84 13.65 -18.29
CA ILE B 140 -11.87 13.43 -19.36
C ILE B 140 -12.28 14.20 -20.61
N ASP B 141 -13.56 14.13 -20.98
CA ASP B 141 -14.03 14.84 -22.16
C ASP B 141 -13.89 16.36 -21.99
N ILE B 143 -11.75 18.25 -20.23
CA ILE B 143 -10.36 18.70 -20.38
C ILE B 143 -9.98 18.75 -21.86
N CYS B 144 -10.51 17.84 -22.67
CA CYS B 144 -10.20 17.83 -24.09
C CYS B 144 -10.86 19.00 -24.81
N GLN B 145 -11.99 19.49 -24.31
CA GLN B 145 -12.65 20.62 -24.94
C GLN B 145 -11.76 21.85 -24.94
N HIS B 146 -10.83 21.92 -23.98
CA HIS B 146 -9.89 23.03 -23.85
C HIS B 146 -8.48 22.64 -24.29
N LEU B 147 -8.36 21.63 -25.15
CA LEU B 147 -7.06 21.17 -25.61
C LEU B 147 -6.61 21.95 -26.85
N ASP B 148 -5.34 22.35 -26.84
CA ASP B 148 -4.69 23.02 -27.95
C ASP B 148 -3.51 22.16 -28.41
N ARG B 149 -2.99 22.47 -29.61
CA ARG B 149 -1.80 21.79 -30.10
C ARG B 149 -0.66 21.91 -29.09
N GLY B 150 -0.46 23.10 -28.53
CA GLY B 150 0.48 23.30 -27.45
C GLY B 150 -0.25 23.71 -26.19
N THR B 151 -0.42 22.77 -25.26
CA THR B 151 -1.24 22.98 -24.06
C THR B 151 -0.37 22.88 -22.82
N ASN B 152 -0.32 23.96 -22.05
CA ASN B 152 0.30 23.93 -20.73
C ASN B 152 -0.68 23.35 -19.72
N LEU B 153 -0.26 22.30 -19.02
CA LEU B 153 -1.13 21.54 -18.14
C LEU B 153 -0.51 21.44 -16.75
N SER B 154 -1.37 21.33 -15.74
CA SER B 154 -0.95 21.13 -14.36
C SER B 154 -1.80 20.02 -13.76
N VAL B 155 -1.15 19.05 -13.13
CA VAL B 155 -1.83 17.87 -12.60
C VAL B 155 -1.57 17.81 -11.09
N ILE B 157 -2.58 15.65 -7.73
CA ILE B 157 -3.11 14.36 -7.30
C ILE B 157 -3.25 14.38 -5.78
N THR B 158 -4.45 14.06 -5.30
CA THR B 158 -4.68 13.92 -3.87
C THR B 158 -5.89 13.03 -3.66
N GLY B 159 -5.79 12.11 -2.71
CA GLY B 159 -6.89 11.19 -2.44
C GLY B 159 -7.16 10.31 -3.64
N THR B 160 -8.44 10.22 -4.01
CA THR B 160 -8.86 9.43 -5.16
C THR B 160 -9.30 10.33 -6.32
N SER B 161 -8.70 11.51 -6.44
CA SER B 161 -9.09 12.47 -7.46
C SER B 161 -7.86 13.08 -8.10
N ILE B 162 -8.03 13.54 -9.34
CA ILE B 162 -6.99 14.24 -10.09
C ILE B 162 -7.53 15.62 -10.46
N PHE B 163 -6.84 16.67 -10.05
CA PHE B 163 -7.21 18.04 -10.36
C PHE B 163 -6.31 18.54 -11.47
N VAL B 164 -6.90 18.92 -12.61
CA VAL B 164 -6.17 19.32 -13.79
C VAL B 164 -6.47 20.80 -14.06
N ASP B 165 -5.42 21.60 -14.12
CA ASP B 165 -5.53 23.02 -14.47
C ASP B 165 -5.19 23.16 -15.95
N VAL B 166 -6.22 23.29 -16.79
CA VAL B 166 -6.06 23.37 -18.23
C VAL B 166 -6.82 24.60 -18.73
N ASN B 167 -6.12 25.47 -19.45
CA ASN B 167 -6.72 26.65 -20.09
C ASN B 167 -7.47 27.51 -19.08
N ASP B 168 -6.86 27.71 -17.91
CA ASP B 168 -7.39 28.48 -16.80
C ASP B 168 -8.69 27.89 -16.25
N GLN B 169 -9.07 26.70 -16.70
CA GLN B 169 -10.19 25.94 -16.16
C GLN B 169 -9.67 24.87 -15.21
N HIS B 170 -10.58 24.34 -14.39
CA HIS B 170 -10.23 23.34 -13.40
C HIS B 170 -11.25 22.22 -13.43
N VAL B 171 -10.79 21.00 -13.70
CA VAL B 171 -11.64 19.82 -13.76
C VAL B 171 -11.13 18.81 -12.75
N GLU B 172 -12.06 18.07 -12.15
CA GLU B 172 -11.75 17.04 -11.18
C GLU B 172 -12.06 15.67 -11.79
N VAL B 173 -11.03 14.83 -11.90
CA VAL B 173 -11.17 13.49 -12.46
C VAL B 173 -11.21 12.51 -11.31
N THR B 174 -12.31 11.75 -11.21
CA THR B 174 -12.44 10.75 -10.15
C THR B 174 -11.73 9.46 -10.56
N VAL B 175 -10.97 8.90 -9.63
CA VAL B 175 -10.24 7.66 -9.84
C VAL B 175 -10.84 6.63 -8.89
N LYS B 176 -11.78 5.84 -9.41
CA LYS B 176 -12.45 4.82 -8.60
C LYS B 176 -11.68 3.51 -8.65
N GLU B 177 -11.51 2.88 -7.49
CA GLU B 177 -10.80 1.62 -7.37
C GLU B 177 -11.79 0.48 -7.55
N LEU B 178 -11.63 -0.27 -8.64
CA LEU B 178 -12.48 -1.43 -8.91
C LEU B 178 -11.87 -2.72 -8.37
N GLN B 179 -10.55 -2.85 -8.44
CA GLN B 179 -9.86 -4.01 -7.89
C GLN B 179 -8.45 -3.59 -7.52
N SER B 180 -8.08 -3.79 -6.26
CA SER B 180 -6.77 -3.43 -5.76
C SER B 180 -5.84 -4.64 -5.79
N HIS B 181 -4.54 -4.35 -5.86
CA HIS B 181 -3.51 -5.39 -5.83
C HIS B 181 -3.22 -5.75 -4.38
N ASP B 182 -4.15 -6.49 -3.79
CA ASP B 182 -4.07 -6.90 -2.40
C ASP B 182 -3.79 -8.39 -2.23
N ALA B 183 -3.41 -9.09 -3.31
CA ALA B 183 -3.19 -10.53 -3.21
C ALA B 183 -1.93 -10.87 -2.43
N PRO B 184 -0.75 -10.28 -2.71
CA PRO B 184 0.41 -10.67 -1.89
C PRO B 184 0.30 -10.22 -0.44
N LYS C 7 -13.16 3.60 7.82
CA LYS C 7 -12.55 2.28 7.77
C LYS C 7 -11.06 2.38 7.45
N PRO C 8 -10.24 1.62 8.18
CA PRO C 8 -8.80 1.64 7.92
C PRO C 8 -8.45 0.93 6.63
N THR C 9 -7.17 1.03 6.28
CA THR C 9 -6.62 0.41 5.09
C THR C 9 -5.84 -0.85 5.47
N ILE C 10 -6.18 -1.96 4.84
CA ILE C 10 -5.57 -3.25 5.16
C ILE C 10 -4.36 -3.45 4.26
N TYR C 11 -3.23 -3.79 4.87
CA TYR C 11 -1.98 -4.04 4.14
C TYR C 11 -1.50 -5.45 4.44
N LYS C 12 -1.25 -6.22 3.39
CA LYS C 12 -0.71 -7.57 3.50
C LYS C 12 0.72 -7.61 2.97
N PHE C 13 1.58 -8.38 3.63
CA PHE C 13 2.98 -8.46 3.29
C PHE C 13 3.47 -9.90 3.35
N ARG C 14 4.24 -10.30 2.34
CA ARG C 14 5.00 -11.55 2.35
C ARG C 14 6.47 -11.18 2.24
N ILE C 15 7.20 -11.31 3.36
CA ILE C 15 8.56 -10.83 3.47
C ILE C 15 9.53 -12.01 3.37
N ALA C 16 10.49 -11.91 2.47
CA ALA C 16 11.57 -12.90 2.36
C ALA C 16 12.76 -12.39 3.17
N LEU C 17 12.68 -12.61 4.48
CA LEU C 17 13.67 -12.10 5.41
C LEU C 17 14.96 -12.90 5.31
N SER C 18 16.10 -12.20 5.20
CA SER C 18 17.43 -12.82 5.16
C SER C 18 18.34 -12.03 6.11
N ASP C 19 18.27 -12.37 7.39
CA ASP C 19 19.10 -11.72 8.41
C ASP C 19 20.45 -12.39 8.41
N ASN C 21 23.28 -11.02 9.69
CA ASN C 21 24.00 -10.73 10.93
C ASN C 21 23.71 -11.78 11.99
N ASN C 22 22.46 -12.24 12.07
CA ASN C 22 22.06 -13.27 13.02
C ASN C 22 21.98 -14.65 12.39
N ASP C 23 22.22 -14.76 11.08
CA ASP C 23 22.10 -16.02 10.34
C ASP C 23 20.71 -16.61 10.54
N TYR C 24 19.69 -15.78 10.34
CA TYR C 24 18.30 -16.16 10.47
C TYR C 24 17.58 -15.91 9.15
N TYR C 25 16.85 -16.91 8.67
CA TYR C 25 16.15 -16.83 7.41
C TYR C 25 14.76 -17.41 7.57
N ASP C 26 13.75 -16.63 7.19
CA ASP C 26 12.36 -17.06 7.35
C ASP C 26 11.50 -16.28 6.37
N SER C 27 10.30 -16.80 6.12
CA SER C 27 9.30 -16.16 5.27
C SER C 27 8.13 -15.76 6.14
N LYS C 28 7.91 -14.46 6.29
CA LYS C 28 6.90 -13.92 7.18
C LYS C 28 5.69 -13.44 6.39
N ASN C 29 4.50 -13.65 6.95
CA ASN C 29 3.25 -13.15 6.40
C ASN C 29 2.62 -12.22 7.42
N LEU C 30 2.52 -10.94 7.07
CA LEU C 30 1.99 -9.92 7.98
C LEU C 30 0.77 -9.26 7.36
N THR C 31 -0.20 -8.93 8.22
CA THR C 31 -1.41 -8.21 7.82
C THR C 31 -1.56 -7.01 8.74
N ILE C 32 -1.38 -5.81 8.20
CA ILE C 32 -1.40 -4.57 8.96
C ILE C 32 -2.62 -3.76 8.56
N ALA C 33 -3.30 -3.19 9.57
CA ALA C 33 -4.45 -2.33 9.36
C ALA C 33 -4.02 -0.89 9.63
N LEU C 34 -3.69 -0.16 8.58
CA LEU C 34 -3.23 1.22 8.71
C LEU C 34 -4.42 2.15 8.94
N HIS C 35 -4.38 2.90 10.03
CA HIS C 35 -5.47 3.82 10.35
C HIS C 35 -5.44 5.02 9.40
N PRO C 36 -6.59 5.66 9.18
CA PRO C 36 -6.62 6.81 8.26
C PRO C 36 -5.71 7.95 8.69
N SER C 37 -5.41 8.07 9.98
CA SER C 37 -4.52 9.14 10.44
C SER C 37 -3.05 8.77 10.32
N GLU C 38 -2.72 7.48 10.43
CA GLU C 38 -1.35 7.04 10.31
C GLU C 38 -0.89 7.04 8.86
N LYS C 39 0.43 7.11 8.67
CA LYS C 39 1.02 7.20 7.34
C LYS C 39 1.77 5.92 6.99
N PRO C 40 1.84 5.56 5.71
CA PRO C 40 2.60 4.36 5.31
C PRO C 40 4.05 4.38 5.76
N GLN C 41 4.66 5.55 5.86
CA GLN C 41 6.07 5.63 6.26
C GLN C 41 6.28 5.08 7.66
N ARG C 42 5.31 5.28 8.57
CA ARG C 42 5.46 4.74 9.91
C ARG C 42 5.23 3.23 9.94
N LEU C 44 5.95 1.10 7.60
CA LEU C 44 7.15 0.44 7.09
C LEU C 44 8.25 0.40 8.15
N ALA C 45 8.39 1.49 8.92
CA ALA C 45 9.39 1.52 9.98
C ALA C 45 9.08 0.48 11.05
N ARG C 46 7.80 0.21 11.32
CA ARG C 46 7.46 -0.88 12.22
C ARG C 46 7.82 -2.24 11.62
N ILE C 47 7.68 -2.36 10.30
CA ILE C 47 7.99 -3.61 9.63
C ILE C 47 9.49 -3.85 9.63
N LEU C 48 10.28 -2.82 9.32
CA LEU C 48 11.74 -2.99 9.30
C LEU C 48 12.29 -3.28 10.69
N ALA C 49 11.73 -2.63 11.72
CA ALA C 49 12.14 -2.96 13.08
C ALA C 49 11.75 -4.38 13.45
N PHE C 50 10.63 -4.88 12.92
CA PHE C 50 10.25 -6.27 13.15
C PHE C 50 11.25 -7.22 12.52
N CYS C 51 11.75 -6.87 11.33
CA CYS C 51 12.73 -7.73 10.66
C CYS C 51 14.04 -7.80 11.44
N LEU C 52 14.43 -6.68 12.08
CA LEU C 52 15.65 -6.67 12.87
C LEU C 52 15.55 -7.51 14.13
N ASN C 53 14.33 -7.74 14.63
CA ASN C 53 14.12 -8.47 15.87
C ASN C 53 13.08 -9.57 15.68
N ALA C 54 13.11 -10.23 14.51
CA ALA C 54 12.13 -11.26 14.23
C ALA C 54 12.33 -12.52 15.07
N GLN C 55 13.53 -12.73 15.60
CA GLN C 55 13.80 -13.89 16.42
C GLN C 55 13.26 -13.77 17.84
N LYS C 56 12.73 -12.60 18.22
CA LYS C 56 12.21 -12.37 19.56
C LYS C 56 10.73 -12.70 19.68
N ASP C 57 10.12 -13.25 18.63
CA ASP C 57 8.72 -13.67 18.64
C ASP C 57 7.80 -12.49 18.98
N LEU C 58 7.96 -11.40 18.25
CA LEU C 58 7.19 -10.19 18.49
C LEU C 58 5.81 -10.30 17.84
N GLU C 59 4.90 -9.44 18.29
CA GLU C 59 3.55 -9.35 17.74
C GLU C 59 3.21 -7.90 17.50
N PHE C 60 2.62 -7.61 16.34
CA PHE C 60 2.20 -6.26 16.02
C PHE C 60 0.97 -5.88 16.83
N THR C 61 0.98 -4.67 17.38
CA THR C 61 -0.13 -4.15 18.15
C THR C 61 -1.04 -3.31 17.24
N LYS C 62 -2.34 -3.56 17.31
CA LYS C 62 -3.32 -2.89 16.46
C LYS C 62 -3.89 -1.70 17.22
N GLY C 63 -3.58 -0.50 16.76
CA GLY C 63 -4.06 0.72 17.39
C GLY C 63 -3.23 1.94 17.05
N THR C 67 -0.25 5.10 21.41
CA THR C 67 -1.04 4.91 22.62
C THR C 67 -0.14 4.51 23.78
N GLU C 68 -0.74 3.99 24.86
CA GLU C 68 0.03 3.46 25.96
C GLU C 68 0.61 2.08 25.67
N GLU C 69 0.45 1.59 24.44
CA GLU C 69 0.95 0.31 23.97
C GLU C 69 2.08 0.52 22.98
N PRO C 70 3.12 -0.31 23.02
CA PRO C 70 4.21 -0.18 22.05
C PRO C 70 3.79 -0.67 20.67
N ASP C 71 4.64 -0.40 19.69
CA ASP C 71 4.36 -0.85 18.33
C ASP C 71 4.62 -2.35 18.18
N LEU C 72 5.68 -2.85 18.81
CA LEU C 72 6.04 -4.26 18.77
C LEU C 72 6.41 -4.70 20.17
N TRP C 73 5.88 -5.84 20.59
CA TRP C 73 6.17 -6.37 21.91
C TRP C 73 6.03 -7.89 21.90
N HIS C 74 6.51 -8.51 22.98
CA HIS C 74 6.39 -9.96 23.16
C HIS C 74 6.20 -10.23 24.64
N VAL C 75 5.00 -10.63 25.02
CA VAL C 75 4.70 -10.93 26.42
C VAL C 75 5.11 -12.36 26.71
N ALA C 76 5.45 -12.63 27.97
CA ALA C 76 5.82 -13.96 28.41
C ALA C 76 4.59 -14.70 28.93
N ASP C 77 4.80 -15.88 29.48
CA ASP C 77 3.68 -16.65 30.02
C ASP C 77 3.14 -16.03 31.31
N ASP C 78 3.99 -15.36 32.08
CA ASP C 78 3.56 -14.66 33.28
C ASP C 78 3.01 -13.26 33.00
N GLN C 79 2.67 -12.98 31.74
CA GLN C 79 2.08 -11.71 31.34
C GLN C 79 2.99 -10.52 31.63
N SER C 80 4.30 -10.74 31.55
CA SER C 80 5.28 -9.68 31.69
C SER C 80 5.85 -9.32 30.33
N ILE C 81 6.10 -8.04 30.11
CA ILE C 81 6.60 -7.56 28.82
C ILE C 81 8.09 -7.85 28.75
N THR C 82 8.47 -8.72 27.81
CA THR C 82 9.89 -9.07 27.66
C THR C 82 10.62 -8.03 26.80
N HIS C 83 10.04 -7.67 25.66
CA HIS C 83 10.63 -6.69 24.75
C HIS C 83 9.63 -5.60 24.44
N TRP C 84 10.10 -4.35 24.44
CA TRP C 84 9.28 -3.18 24.17
C TRP C 84 9.96 -2.39 23.06
N ILE C 85 9.31 -2.28 21.91
CA ILE C 85 9.88 -1.61 20.74
C ILE C 85 8.98 -0.44 20.36
N GLU C 86 9.56 0.76 20.37
CA GLU C 86 8.85 1.98 19.98
C GLU C 86 9.33 2.43 18.61
N ILE C 87 8.41 2.99 17.82
CA ILE C 87 8.71 3.49 16.48
C ILE C 87 8.39 4.98 16.45
N GLY C 88 9.39 5.78 16.09
CA GLY C 88 9.21 7.21 16.04
C GLY C 88 10.13 7.97 16.98
N GLU C 89 9.72 9.18 17.36
CA GLU C 89 10.49 10.04 18.25
C GLU C 89 9.65 10.32 19.49
N PRO C 90 9.62 9.40 20.45
CA PRO C 90 8.75 9.57 21.61
C PRO C 90 9.38 10.49 22.66
N GLU C 91 8.56 10.89 23.62
CA GLU C 91 9.03 11.72 24.71
C GLU C 91 9.83 10.86 25.70
N PRO C 92 10.90 11.41 26.29
CA PRO C 92 11.67 10.62 27.27
C PRO C 92 10.86 10.13 28.45
N ASP C 93 9.83 10.88 28.86
CA ASP C 93 8.99 10.43 29.96
C ASP C 93 8.12 9.24 29.56
N ARG C 94 7.93 9.02 28.26
CA ARG C 94 7.18 7.85 27.79
C ARG C 94 8.03 6.59 27.81
N ILE C 95 9.30 6.71 27.42
CA ILE C 95 10.19 5.56 27.45
C ILE C 95 10.57 5.20 28.88
N LYS C 96 10.60 6.18 29.78
CA LYS C 96 10.87 5.91 31.18
C LYS C 96 9.84 4.94 31.76
N LYS C 97 8.56 5.15 31.44
CA LYS C 97 7.52 4.23 31.87
C LYS C 97 7.68 2.86 31.20
N ALA C 98 8.23 2.83 29.99
CA ALA C 98 8.41 1.56 29.29
C ALA C 98 9.52 0.73 29.92
N SER C 99 10.61 1.38 30.36
CA SER C 99 11.71 0.64 30.98
C SER C 99 11.31 0.05 32.33
N ARG C 100 10.30 0.61 32.99
CA ARG C 100 9.81 0.04 34.24
C ARG C 100 8.88 -1.14 34.01
N LEU C 101 8.29 -1.26 32.82
CA LEU C 101 7.36 -2.33 32.51
C LEU C 101 7.95 -3.41 31.61
N ALA C 102 9.13 -3.19 31.06
CA ALA C 102 9.75 -4.15 30.15
C ALA C 102 11.20 -4.40 30.55
N LYS C 103 11.70 -5.57 30.16
CA LYS C 103 13.07 -5.95 30.48
C LYS C 103 14.06 -5.29 29.55
N GLN C 104 13.75 -5.25 28.25
CA GLN C 104 14.60 -4.61 27.26
C GLN C 104 13.73 -3.73 26.37
N VAL C 105 14.13 -2.47 26.20
CA VAL C 105 13.38 -1.50 25.42
C VAL C 105 14.25 -1.02 24.27
N LYS C 106 13.64 -0.87 23.10
CA LYS C 106 14.34 -0.41 21.91
C LYS C 106 13.50 0.65 21.21
N VAL C 107 14.17 1.68 20.69
CA VAL C 107 13.52 2.78 20.00
C VAL C 107 14.10 2.88 18.59
N TYR C 108 13.22 3.01 17.60
CA TYR C 108 13.61 3.18 16.20
C TYR C 108 12.96 4.44 15.65
N THR C 109 13.74 5.49 15.48
CA THR C 109 13.25 6.70 14.85
C THR C 109 13.27 6.54 13.33
N TYR C 110 12.42 7.32 12.65
CA TYR C 110 12.30 7.19 11.21
C TYR C 110 12.08 8.51 10.47
N ASN C 111 11.92 9.63 11.19
CA ASN C 111 11.70 10.92 10.56
C ASN C 111 13.01 11.70 10.44
N THR C 112 13.06 12.59 9.45
CA THR C 112 14.26 13.38 9.21
C THR C 112 14.56 14.35 10.36
N LYS C 113 13.60 14.61 11.24
CA LYS C 113 13.81 15.47 12.39
C LYS C 113 14.42 14.74 13.57
N ALA C 114 14.85 13.50 13.39
CA ALA C 114 15.41 12.69 14.48
C ALA C 114 16.72 13.26 15.04
N PRO C 115 17.67 13.71 14.20
CA PRO C 115 18.89 14.31 14.77
C PRO C 115 18.61 15.52 15.65
N VAL C 116 17.72 16.41 15.20
CA VAL C 116 17.35 17.55 16.04
C VAL C 116 16.61 17.07 17.30
N TRP C 117 15.75 16.05 17.15
CA TRP C 117 15.08 15.47 18.30
C TRP C 117 16.07 14.82 19.26
N TRP C 118 17.17 14.28 18.74
CA TRP C 118 18.12 13.58 19.60
C TRP C 118 18.98 14.54 20.42
N GLU C 119 19.24 15.75 19.91
CA GLU C 119 20.10 16.68 20.64
C GLU C 119 19.48 17.09 21.97
N LYS C 120 18.17 17.31 22.00
CA LYS C 120 17.49 17.73 23.20
C LYS C 120 17.05 16.58 24.09
N SER C 122 19.11 13.49 24.19
CA SER C 122 20.24 12.59 24.41
C SER C 122 20.62 12.54 25.89
N GLY C 123 20.63 13.69 26.56
CA GLY C 123 20.95 13.72 27.97
C GLY C 123 19.95 12.97 28.83
N LYS C 124 18.68 12.98 28.42
CA LYS C 124 17.66 12.24 29.16
C LYS C 124 17.72 10.75 28.84
N PHE C 125 17.83 10.40 27.56
CA PHE C 125 17.90 8.99 27.18
C PHE C 125 19.16 8.32 27.68
N SER C 126 20.23 9.07 27.97
CA SER C 126 21.41 8.49 28.58
C SER C 126 21.15 8.00 30.00
N LEU C 128 18.60 6.09 30.79
CA LEU C 128 17.62 5.03 30.60
C LEU C 128 18.30 3.81 29.98
N PRO C 129 17.96 2.61 30.43
CA PRO C 129 18.49 1.38 29.82
C PRO C 129 17.72 1.01 28.55
N VAL C 130 17.90 1.83 27.51
CA VAL C 130 17.14 1.71 26.28
C VAL C 130 18.08 1.81 25.09
N SER C 131 17.69 1.17 23.99
CA SER C 131 18.41 1.27 22.73
C SER C 131 17.71 2.26 21.82
N VAL C 132 18.50 3.11 21.16
CA VAL C 132 17.97 4.12 20.25
C VAL C 132 18.73 4.02 18.93
N GLU C 133 18.01 3.66 17.86
CA GLU C 133 18.56 3.61 16.52
C GLU C 133 17.65 4.40 15.59
N SER C 134 18.18 4.73 14.40
CA SER C 134 17.51 5.64 13.49
C SER C 134 17.55 5.10 12.06
N PHE C 135 16.36 4.94 11.47
CA PHE C 135 16.26 4.75 10.03
C PHE C 135 16.30 6.11 9.34
N ASP C 136 16.78 6.12 8.10
CA ASP C 136 16.76 7.33 7.30
C ASP C 136 15.43 7.42 6.55
N TYR C 137 14.82 8.61 6.57
CA TYR C 137 13.47 8.75 6.06
C TYR C 137 13.42 8.63 4.54
N ASP C 138 14.45 9.12 3.84
CA ASP C 138 14.42 9.11 2.38
C ASP C 138 14.31 7.68 1.83
N ALA C 139 15.00 6.73 2.47
CA ALA C 139 14.89 5.34 2.04
C ALA C 139 13.53 4.75 2.40
N ILE C 140 12.99 5.13 3.58
CA ILE C 140 11.67 4.67 3.97
C ILE C 140 10.62 5.18 3.00
N ASP C 141 10.74 6.45 2.57
CA ASP C 141 9.76 7.03 1.67
C ASP C 141 9.85 6.43 0.28
N ILE C 143 10.44 3.33 -0.51
CA ILE C 143 9.73 2.05 -0.53
C ILE C 143 8.22 2.27 -0.54
N CYS C 144 7.75 3.29 0.17
CA CYS C 144 6.32 3.56 0.21
C CYS C 144 5.77 4.03 -1.13
N GLN C 145 6.62 4.58 -2.00
CA GLN C 145 6.15 4.98 -3.33
C GLN C 145 5.80 3.78 -4.19
N HIS C 146 6.43 2.62 -3.94
CA HIS C 146 6.16 1.41 -4.70
C HIS C 146 5.35 0.40 -3.91
N LEU C 147 4.70 0.83 -2.83
CA LEU C 147 3.89 -0.07 -2.02
C LEU C 147 2.54 -0.33 -2.66
N ASP C 148 1.83 -1.31 -2.12
CA ASP C 148 0.49 -1.67 -2.54
C ASP C 148 -0.26 -2.23 -1.34
N ARG C 149 -1.51 -2.61 -1.55
CA ARG C 149 -2.26 -3.29 -0.50
C ARG C 149 -1.62 -4.63 -0.14
N GLY C 150 -1.08 -5.33 -1.14
CA GLY C 150 -0.34 -6.55 -0.92
C GLY C 150 0.96 -6.55 -1.69
N THR C 151 2.09 -6.60 -1.00
CA THR C 151 3.40 -6.51 -1.62
C THR C 151 4.26 -7.69 -1.22
N ASN C 152 5.28 -7.96 -2.05
CA ASN C 152 6.30 -8.96 -1.77
C ASN C 152 7.62 -8.24 -1.51
N LEU C 153 8.13 -8.36 -0.29
CA LEU C 153 9.35 -7.68 0.11
C LEU C 153 10.49 -8.68 0.28
N SER C 154 11.66 -8.33 -0.24
CA SER C 154 12.88 -9.11 -0.07
C SER C 154 13.80 -8.29 0.83
N VAL C 155 13.77 -8.59 2.13
CA VAL C 155 14.50 -7.83 3.13
C VAL C 155 15.78 -8.59 3.48
N ILE C 157 19.28 -8.14 5.89
CA ILE C 157 19.94 -7.41 6.96
C ILE C 157 21.40 -7.84 6.98
N THR C 158 22.29 -6.93 6.63
CA THR C 158 23.74 -7.19 6.65
C THR C 158 24.45 -5.93 7.09
N GLY C 159 25.27 -6.06 8.14
CA GLY C 159 25.98 -4.89 8.64
C GLY C 159 25.02 -3.92 9.30
N THR C 160 25.15 -2.65 8.94
CA THR C 160 24.32 -1.58 9.50
C THR C 160 23.32 -1.04 8.47
N SER C 161 22.80 -1.91 7.62
CA SER C 161 21.88 -1.49 6.57
C SER C 161 20.87 -2.60 6.32
N ILE C 162 19.65 -2.19 5.98
CA ILE C 162 18.57 -3.10 5.63
C ILE C 162 18.25 -2.87 4.16
N PHE C 163 18.57 -3.85 3.32
CA PHE C 163 18.34 -3.75 1.89
C PHE C 163 16.97 -4.35 1.57
N VAL C 164 16.14 -3.57 0.89
CA VAL C 164 14.77 -3.95 0.58
C VAL C 164 14.59 -3.95 -0.94
N ASP C 165 13.89 -4.96 -1.45
CA ASP C 165 13.56 -5.07 -2.87
C ASP C 165 12.06 -5.23 -2.99
N VAL C 166 11.40 -4.24 -3.61
CA VAL C 166 9.95 -4.24 -3.75
C VAL C 166 9.61 -3.80 -5.17
N ASN C 167 8.90 -4.67 -5.89
CA ASN C 167 8.42 -4.38 -7.25
C ASN C 167 9.55 -3.90 -8.16
N ASP C 168 10.63 -4.67 -8.18
CA ASP C 168 11.83 -4.41 -8.97
C ASP C 168 12.55 -3.13 -8.54
N GLN C 169 12.11 -2.48 -7.47
CA GLN C 169 12.77 -1.30 -6.94
C GLN C 169 13.58 -1.69 -5.71
N HIS C 170 14.85 -1.30 -5.69
CA HIS C 170 15.80 -1.74 -4.67
C HIS C 170 16.27 -0.54 -3.86
N VAL C 171 16.11 -0.62 -2.54
CA VAL C 171 16.39 0.49 -1.64
C VAL C 171 17.22 -0.01 -0.47
N GLU C 172 18.24 0.77 -0.09
CA GLU C 172 19.05 0.50 1.08
C GLU C 172 18.61 1.43 2.20
N VAL C 173 18.16 0.86 3.31
CA VAL C 173 17.76 1.62 4.48
C VAL C 173 18.87 1.52 5.52
N THR C 174 19.56 2.63 5.76
CA THR C 174 20.63 2.64 6.75
C THR C 174 20.06 2.63 8.16
N VAL C 175 20.85 2.09 9.08
CA VAL C 175 20.48 1.99 10.49
C VAL C 175 21.62 2.58 11.31
N LYS C 176 21.51 3.84 11.68
CA LYS C 176 22.48 4.49 12.55
C LYS C 176 22.12 4.24 14.00
N GLU C 177 23.14 4.20 14.86
CA GLU C 177 22.96 3.92 16.28
C GLU C 177 23.11 5.21 17.07
N LEU C 178 22.02 5.65 17.71
CA LEU C 178 22.07 6.84 18.55
C LEU C 178 22.47 6.54 19.98
N GLN C 179 22.10 5.35 20.48
CA GLN C 179 22.42 4.96 21.84
C GLN C 179 22.34 3.44 21.93
N SER C 180 23.35 2.84 22.55
CA SER C 180 23.42 1.40 22.76
C SER C 180 23.09 1.05 24.20
N HIS C 181 22.59 -0.17 24.40
CA HIS C 181 22.28 -0.65 25.73
C HIS C 181 23.37 -1.59 26.28
N ASP C 182 24.13 -2.24 25.41
CA ASP C 182 25.21 -3.14 25.81
C ASP C 182 24.70 -4.23 26.76
N LEU D 6 -12.01 -39.67 18.97
CA LEU D 6 -11.26 -38.67 18.21
C LEU D 6 -9.85 -39.14 17.92
N LYS D 7 -9.60 -40.43 18.16
CA LYS D 7 -8.30 -41.03 17.88
C LYS D 7 -8.11 -41.25 16.38
N PRO D 8 -6.93 -40.96 15.85
CA PRO D 8 -6.69 -41.20 14.42
C PRO D 8 -6.43 -42.66 14.12
N THR D 9 -6.87 -43.07 12.92
CA THR D 9 -6.63 -44.42 12.43
C THR D 9 -5.42 -44.42 11.51
N ILE D 10 -4.48 -45.32 11.79
CA ILE D 10 -3.20 -45.35 11.10
C ILE D 10 -3.23 -46.45 10.05
N TYR D 11 -2.84 -46.11 8.83
CA TYR D 11 -2.74 -47.05 7.72
C TYR D 11 -1.30 -47.11 7.22
N LYS D 12 -0.83 -48.31 6.93
CA LYS D 12 0.49 -48.53 6.35
C LYS D 12 0.33 -49.07 4.93
N PHE D 13 1.13 -48.52 4.01
CA PHE D 13 1.05 -48.91 2.60
C PHE D 13 2.42 -49.33 2.10
N ARG D 14 2.43 -50.34 1.23
CA ARG D 14 3.66 -50.86 0.63
C ARG D 14 3.36 -50.98 -0.86
N ILE D 15 3.63 -49.91 -1.62
CA ILE D 15 3.20 -49.78 -3.00
C ILE D 15 4.36 -50.15 -3.93
N ALA D 16 4.04 -50.87 -5.00
CA ALA D 16 4.98 -51.16 -6.08
C ALA D 16 4.56 -50.35 -7.29
N LEU D 17 5.35 -49.33 -7.62
CA LEU D 17 5.00 -48.37 -8.65
C LEU D 17 5.61 -48.74 -9.99
N SER D 18 4.81 -48.60 -11.06
CA SER D 18 5.24 -48.87 -12.42
C SER D 18 4.67 -47.78 -13.33
N ASP D 19 5.20 -46.57 -13.18
CA ASP D 19 4.78 -45.42 -13.98
C ASP D 19 5.47 -45.51 -15.34
N ASN D 21 4.40 -44.11 -18.16
CA ASN D 21 4.33 -42.86 -18.92
C ASN D 21 5.63 -42.08 -18.79
N ASN D 22 6.23 -42.08 -17.60
CA ASN D 22 7.51 -41.44 -17.36
C ASN D 22 8.66 -42.44 -17.21
N ASP D 23 8.36 -43.74 -17.27
CA ASP D 23 9.35 -44.80 -17.09
C ASP D 23 10.08 -44.64 -15.75
N TYR D 24 9.30 -44.79 -14.68
CA TYR D 24 9.79 -44.64 -13.31
C TYR D 24 9.30 -45.83 -12.50
N TYR D 25 10.24 -46.55 -11.90
CA TYR D 25 9.93 -47.74 -11.11
C TYR D 25 10.54 -47.60 -9.73
N ASP D 26 9.74 -47.85 -8.69
CA ASP D 26 10.19 -47.72 -7.32
C ASP D 26 9.18 -48.42 -6.41
N SER D 27 9.55 -48.56 -5.15
CA SER D 27 8.67 -49.10 -4.11
C SER D 27 8.56 -48.08 -2.99
N LYS D 28 7.32 -47.72 -2.65
CA LYS D 28 7.05 -46.68 -1.67
C LYS D 28 6.51 -47.30 -0.38
N ASN D 29 7.01 -46.81 0.75
CA ASN D 29 6.57 -47.25 2.07
C ASN D 29 6.21 -46.01 2.88
N LEU D 30 4.91 -45.80 3.10
CA LEU D 30 4.44 -44.62 3.80
C LEU D 30 3.34 -45.03 4.79
N THR D 31 3.16 -44.18 5.81
CA THR D 31 2.15 -44.40 6.84
C THR D 31 1.27 -43.17 6.93
N ILE D 32 -0.04 -43.37 6.85
CA ILE D 32 -1.02 -42.30 6.84
C ILE D 32 -1.90 -42.42 8.09
N ALA D 33 -2.12 -41.30 8.77
CA ALA D 33 -3.04 -41.23 9.90
C ALA D 33 -4.32 -40.58 9.41
N LEU D 34 -5.41 -41.37 9.40
CA LEU D 34 -6.69 -40.91 8.86
C LEU D 34 -7.57 -40.42 10.00
N HIS D 35 -8.01 -39.18 9.91
CA HIS D 35 -8.90 -38.62 10.91
C HIS D 35 -10.31 -39.15 10.71
N PRO D 36 -11.10 -39.24 11.79
CA PRO D 36 -12.49 -39.71 11.63
C PRO D 36 -13.33 -38.82 10.72
N SER D 37 -13.05 -37.51 10.70
CA SER D 37 -13.77 -36.62 9.81
C SER D 37 -13.41 -36.87 8.35
N GLU D 38 -12.22 -37.38 8.09
CA GLU D 38 -11.76 -37.64 6.73
C GLU D 38 -12.11 -39.06 6.31
N LYS D 39 -12.44 -39.23 5.01
CA LYS D 39 -12.84 -40.53 4.50
C LYS D 39 -11.63 -41.27 3.92
N PRO D 40 -11.67 -42.60 3.91
CA PRO D 40 -10.59 -43.36 3.26
C PRO D 40 -10.50 -43.08 1.77
N GLN D 41 -11.61 -42.69 1.14
CA GLN D 41 -11.57 -42.36 -0.29
C GLN D 41 -10.68 -41.15 -0.55
N ARG D 42 -10.69 -40.17 0.36
CA ARG D 42 -9.83 -39.02 0.19
C ARG D 42 -8.36 -39.39 0.43
N LEU D 44 -6.98 -42.25 -0.13
CA LEU D 44 -6.51 -43.01 -1.28
C LEU D 44 -6.19 -42.09 -2.46
N ALA D 45 -6.99 -41.03 -2.64
CA ALA D 45 -6.73 -40.10 -3.73
C ALA D 45 -5.40 -39.37 -3.54
N ARG D 46 -5.01 -39.11 -2.29
CA ARG D 46 -3.70 -38.52 -2.04
C ARG D 46 -2.58 -39.48 -2.44
N ILE D 47 -2.79 -40.78 -2.26
CA ILE D 47 -1.77 -41.76 -2.61
C ILE D 47 -1.58 -41.82 -4.11
N LEU D 48 -2.69 -41.88 -4.86
CA LEU D 48 -2.60 -41.92 -6.32
C LEU D 48 -1.97 -40.65 -6.87
N ALA D 49 -2.27 -39.50 -6.26
CA ALA D 49 -1.61 -38.27 -6.66
C ALA D 49 -0.12 -38.30 -6.33
N PHE D 50 0.24 -38.97 -5.24
CA PHE D 50 1.66 -39.15 -4.91
C PHE D 50 2.35 -40.08 -5.89
N CYS D 51 1.64 -41.09 -6.40
CA CYS D 51 2.23 -41.99 -7.37
C CYS D 51 2.42 -41.30 -8.72
N LEU D 52 1.46 -40.47 -9.13
CA LEU D 52 1.60 -39.75 -10.38
C LEU D 52 2.72 -38.72 -10.33
N ASN D 53 3.12 -38.29 -9.15
CA ASN D 53 4.16 -37.29 -8.97
C ASN D 53 5.21 -37.78 -7.98
N ALA D 54 5.57 -39.06 -8.08
CA ALA D 54 6.56 -39.63 -7.16
C ALA D 54 7.95 -39.06 -7.41
N GLN D 55 8.23 -38.62 -8.64
CA GLN D 55 9.53 -38.05 -8.95
C GLN D 55 9.73 -36.67 -8.35
N LYS D 56 8.67 -36.02 -7.86
CA LYS D 56 8.76 -34.67 -7.32
C LYS D 56 9.15 -34.64 -5.84
N ASP D 57 9.41 -35.79 -5.23
CA ASP D 57 9.81 -35.90 -3.83
C ASP D 57 8.78 -35.20 -2.93
N LEU D 58 7.54 -35.67 -3.03
CA LEU D 58 6.44 -35.06 -2.30
C LEU D 58 6.40 -35.56 -0.86
N GLU D 59 5.89 -34.72 0.02
CA GLU D 59 5.77 -35.03 1.45
C GLU D 59 4.32 -34.87 1.87
N PHE D 60 3.78 -35.90 2.50
CA PHE D 60 2.42 -35.81 3.03
C PHE D 60 2.37 -34.83 4.19
N THR D 61 1.25 -34.13 4.30
CA THR D 61 1.13 -32.96 5.18
C THR D 61 0.22 -33.30 6.36
N LYS D 62 0.85 -33.60 7.50
CA LYS D 62 0.17 -33.73 8.79
C LYS D 62 -1.05 -34.66 8.73
N THR D 67 -6.03 -26.59 7.20
CA THR D 67 -6.32 -26.62 5.76
C THR D 67 -5.59 -25.47 5.06
N GLU D 68 -4.63 -24.87 5.75
CA GLU D 68 -3.79 -23.82 5.19
C GLU D 68 -2.61 -24.37 4.40
N GLU D 69 -2.51 -25.68 4.25
CA GLU D 69 -1.42 -26.36 3.58
C GLU D 69 -1.99 -27.32 2.55
N PRO D 70 -1.23 -27.65 1.51
CA PRO D 70 -1.72 -28.63 0.53
C PRO D 70 -1.65 -30.05 1.08
N ASP D 71 -2.20 -30.99 0.32
CA ASP D 71 -2.13 -32.39 0.71
C ASP D 71 -0.72 -32.93 0.48
N LEU D 72 -0.08 -32.52 -0.61
CA LEU D 72 1.29 -32.92 -0.93
C LEU D 72 2.07 -31.71 -1.40
N TRP D 73 3.35 -31.69 -1.07
CA TRP D 73 4.20 -30.57 -1.48
C TRP D 73 5.67 -30.99 -1.41
N HIS D 74 6.51 -30.18 -2.05
CA HIS D 74 7.96 -30.36 -2.04
C HIS D 74 8.57 -29.02 -1.63
N VAL D 75 8.84 -28.87 -0.34
CA VAL D 75 9.42 -27.64 0.19
C VAL D 75 10.94 -27.78 0.16
N ALA D 76 11.60 -26.94 -0.64
CA ALA D 76 13.05 -26.98 -0.76
C ALA D 76 13.70 -26.24 0.40
N ASP D 77 15.03 -26.22 0.40
CA ASP D 77 15.77 -25.50 1.44
C ASP D 77 15.61 -24.00 1.33
N ASP D 78 15.16 -23.50 0.18
CA ASP D 78 14.84 -22.09 0.01
C ASP D 78 13.56 -21.68 0.74
N GLN D 79 12.89 -22.62 1.41
CA GLN D 79 11.63 -22.38 2.11
C GLN D 79 10.54 -21.92 1.13
N SER D 80 10.68 -22.31 -0.13
CA SER D 80 9.71 -21.99 -1.18
C SER D 80 9.09 -23.29 -1.66
N ILE D 81 7.75 -23.32 -1.68
CA ILE D 81 7.02 -24.50 -2.10
C ILE D 81 7.23 -24.67 -3.61
N THR D 82 7.94 -25.75 -4.00
CA THR D 82 8.16 -25.98 -5.43
C THR D 82 6.97 -26.66 -6.09
N HIS D 83 6.18 -27.42 -5.32
CA HIS D 83 4.99 -28.08 -5.83
C HIS D 83 3.89 -28.01 -4.79
N TRP D 84 2.65 -27.85 -5.25
CA TRP D 84 1.49 -27.67 -4.37
C TRP D 84 0.36 -28.54 -4.91
N ILE D 85 0.31 -29.78 -4.46
CA ILE D 85 -0.69 -30.74 -4.92
C ILE D 85 -1.83 -30.77 -3.91
N GLU D 86 -3.04 -30.47 -4.36
CA GLU D 86 -4.22 -30.51 -3.52
C GLU D 86 -5.22 -31.52 -4.07
N ILE D 87 -5.80 -32.30 -3.17
CA ILE D 87 -6.77 -33.34 -3.52
C ILE D 87 -8.14 -32.89 -3.06
N GLY D 88 -9.11 -32.91 -3.96
CA GLY D 88 -10.48 -32.54 -3.66
C GLY D 88 -11.00 -31.55 -4.67
N GLU D 89 -12.01 -30.79 -4.26
CA GLU D 89 -12.66 -29.79 -5.09
C GLU D 89 -12.55 -28.45 -4.39
N PRO D 90 -11.37 -27.82 -4.42
CA PRO D 90 -11.15 -26.60 -3.63
C PRO D 90 -11.78 -25.38 -4.30
N GLU D 91 -11.72 -24.27 -3.57
CA GLU D 91 -12.21 -22.99 -4.05
C GLU D 91 -11.19 -22.32 -4.96
N PRO D 92 -11.64 -21.52 -5.92
CA PRO D 92 -10.69 -20.76 -6.75
C PRO D 92 -9.85 -19.79 -5.95
N ASP D 93 -10.42 -19.18 -4.90
CA ASP D 93 -9.66 -18.25 -4.09
C ASP D 93 -8.56 -18.97 -3.30
N ARG D 94 -8.84 -20.20 -2.86
CA ARG D 94 -7.82 -21.02 -2.22
C ARG D 94 -6.69 -21.34 -3.18
N ILE D 95 -7.03 -21.69 -4.43
CA ILE D 95 -6.02 -22.01 -5.42
C ILE D 95 -5.27 -20.76 -5.86
N LYS D 96 -5.94 -19.60 -5.85
CA LYS D 96 -5.28 -18.35 -6.23
C LYS D 96 -4.11 -18.05 -5.31
N LYS D 97 -4.32 -18.15 -3.99
CA LYS D 97 -3.23 -17.95 -3.06
C LYS D 97 -2.15 -19.02 -3.21
N ALA D 98 -2.57 -20.26 -3.48
CA ALA D 98 -1.61 -21.34 -3.68
C ALA D 98 -0.74 -21.07 -4.90
N SER D 99 -1.31 -20.48 -5.95
CA SER D 99 -0.54 -20.16 -7.15
C SER D 99 0.48 -19.06 -6.90
N ARG D 100 0.25 -18.21 -5.89
CA ARG D 100 1.21 -17.17 -5.56
C ARG D 100 2.32 -17.68 -4.66
N LEU D 101 2.03 -18.69 -3.82
CA LEU D 101 3.03 -19.22 -2.91
C LEU D 101 3.95 -20.23 -3.60
N ALA D 102 3.39 -21.13 -4.39
CA ALA D 102 4.14 -22.22 -4.99
C ALA D 102 4.39 -21.95 -6.47
N LYS D 103 5.43 -22.61 -6.99
CA LYS D 103 5.79 -22.48 -8.39
C LYS D 103 4.87 -23.30 -9.29
N GLN D 104 4.51 -24.52 -8.86
CA GLN D 104 3.58 -25.36 -9.59
C GLN D 104 2.47 -25.81 -8.64
N VAL D 105 1.23 -25.68 -9.08
CA VAL D 105 0.07 -26.07 -8.29
C VAL D 105 -0.78 -27.02 -9.13
N LYS D 106 -1.08 -28.18 -8.58
CA LYS D 106 -1.89 -29.19 -9.25
C LYS D 106 -3.09 -29.55 -8.38
N VAL D 107 -4.20 -29.86 -9.03
CA VAL D 107 -5.44 -30.22 -8.34
C VAL D 107 -5.91 -31.57 -8.88
N TYR D 108 -6.31 -32.45 -7.97
CA TYR D 108 -6.86 -33.76 -8.31
C TYR D 108 -8.20 -33.93 -7.60
N THR D 109 -9.29 -33.95 -8.35
CA THR D 109 -10.61 -34.17 -7.78
C THR D 109 -10.90 -35.66 -7.70
N TYR D 110 -11.71 -36.03 -6.71
CA TYR D 110 -12.02 -37.45 -6.52
C TYR D 110 -13.49 -37.75 -6.28
N ASN D 111 -14.35 -36.76 -6.12
CA ASN D 111 -15.76 -37.02 -5.85
C ASN D 111 -16.55 -37.16 -7.16
N THR D 112 -17.73 -37.77 -7.04
CA THR D 112 -18.54 -38.05 -8.23
C THR D 112 -19.02 -36.77 -8.89
N LYS D 113 -19.42 -35.77 -8.09
CA LYS D 113 -19.95 -34.53 -8.61
C LYS D 113 -18.86 -33.53 -9.00
N ALA D 114 -17.64 -34.00 -9.26
CA ALA D 114 -16.59 -33.08 -9.70
C ALA D 114 -16.85 -32.45 -11.05
N PRO D 115 -17.40 -33.14 -12.06
CA PRO D 115 -17.72 -32.43 -13.31
C PRO D 115 -18.68 -31.27 -13.14
N VAL D 116 -19.65 -31.40 -12.22
CA VAL D 116 -20.58 -30.30 -11.98
C VAL D 116 -19.88 -29.18 -11.23
N TRP D 117 -18.97 -29.53 -10.31
CA TRP D 117 -18.14 -28.53 -9.66
C TRP D 117 -17.26 -27.81 -10.68
N TRP D 118 -16.79 -28.52 -11.71
CA TRP D 118 -15.95 -27.89 -12.71
C TRP D 118 -16.75 -26.92 -13.58
N GLU D 119 -18.06 -27.17 -13.77
CA GLU D 119 -18.88 -26.24 -14.53
C GLU D 119 -19.01 -24.89 -13.81
N LYS D 120 -18.88 -24.88 -12.49
CA LYS D 120 -18.99 -23.63 -11.73
C LYS D 120 -17.65 -22.91 -11.61
N SER D 122 -14.85 -23.42 -13.77
CA SER D 122 -14.05 -23.43 -14.98
C SER D 122 -13.58 -22.03 -15.36
N GLY D 123 -14.45 -21.04 -15.22
CA GLY D 123 -14.08 -19.69 -15.61
C GLY D 123 -12.96 -19.11 -14.74
N LYS D 124 -13.04 -19.31 -13.43
CA LYS D 124 -12.03 -18.74 -12.55
C LYS D 124 -10.71 -19.51 -12.63
N PHE D 125 -10.78 -20.83 -12.79
CA PHE D 125 -9.56 -21.62 -12.90
C PHE D 125 -8.82 -21.37 -14.20
N SER D 126 -9.54 -20.97 -15.26
CA SER D 126 -8.88 -20.66 -16.52
C SER D 126 -7.96 -19.46 -16.40
N LEU D 128 -6.02 -19.12 -13.84
CA LEU D 128 -5.01 -19.57 -12.91
C LEU D 128 -4.02 -20.50 -13.58
N PRO D 129 -2.72 -20.32 -13.36
CA PRO D 129 -1.70 -21.21 -13.95
C PRO D 129 -1.58 -22.52 -13.18
N VAL D 130 -2.64 -23.32 -13.20
CA VAL D 130 -2.70 -24.58 -12.47
C VAL D 130 -3.23 -25.66 -13.40
N SER D 131 -3.06 -26.92 -12.97
CA SER D 131 -3.58 -28.07 -13.68
C SER D 131 -4.62 -28.77 -12.82
N VAL D 132 -5.69 -29.23 -13.45
CA VAL D 132 -6.81 -29.86 -12.75
C VAL D 132 -7.11 -31.19 -13.42
N GLU D 133 -6.97 -32.29 -12.67
CA GLU D 133 -7.33 -33.62 -13.12
C GLU D 133 -8.45 -34.17 -12.24
N SER D 134 -9.03 -35.29 -12.66
CA SER D 134 -10.15 -35.88 -11.97
C SER D 134 -9.98 -37.39 -11.85
N PHE D 135 -10.13 -37.91 -10.65
CA PHE D 135 -10.12 -39.33 -10.38
C PHE D 135 -11.53 -39.91 -10.51
N ASP D 136 -11.60 -41.23 -10.61
CA ASP D 136 -12.88 -41.95 -10.65
C ASP D 136 -13.24 -42.40 -9.24
N TYR D 137 -14.36 -41.88 -8.71
CA TYR D 137 -14.70 -42.18 -7.33
C TYR D 137 -15.08 -43.64 -7.14
N ASP D 138 -15.84 -44.22 -8.07
CA ASP D 138 -16.22 -45.61 -7.96
C ASP D 138 -15.00 -46.52 -7.94
N ALA D 139 -13.93 -46.14 -8.65
CA ALA D 139 -12.70 -46.91 -8.60
C ALA D 139 -12.01 -46.74 -7.26
N ILE D 140 -11.94 -45.51 -6.76
CA ILE D 140 -11.36 -45.25 -5.45
C ILE D 140 -12.14 -45.99 -4.37
N ASP D 141 -13.47 -46.00 -4.47
CA ASP D 141 -14.27 -46.65 -3.44
C ASP D 141 -14.03 -48.16 -3.44
N ILE D 143 -11.19 -49.87 -4.19
CA ILE D 143 -9.93 -50.14 -3.50
C ILE D 143 -10.08 -49.91 -2.00
N CYS D 144 -10.93 -48.96 -1.60
CA CYS D 144 -11.13 -48.67 -0.19
C CYS D 144 -11.93 -49.76 0.52
N GLN D 145 -12.66 -50.59 -0.22
CA GLN D 145 -13.32 -51.73 0.40
C GLN D 145 -12.33 -52.83 0.75
N HIS D 146 -11.37 -53.09 -0.15
CA HIS D 146 -10.41 -54.17 0.07
C HIS D 146 -9.18 -53.63 0.76
N LEU D 147 -9.35 -52.63 1.61
CA LEU D 147 -8.25 -52.05 2.34
C LEU D 147 -8.05 -52.76 3.68
N ASP D 148 -6.80 -52.73 4.15
CA ASP D 148 -6.42 -53.22 5.47
C ASP D 148 -5.58 -52.16 6.16
N ARG D 149 -5.33 -52.38 7.45
CA ARG D 149 -4.45 -51.48 8.19
C ARG D 149 -3.04 -51.49 7.60
N GLY D 150 -2.58 -52.66 7.17
CA GLY D 150 -1.36 -52.77 6.39
C GLY D 150 -1.67 -53.37 5.03
N THR D 151 -1.54 -52.58 3.97
CA THR D 151 -1.98 -52.97 2.65
C THR D 151 -0.81 -52.90 1.67
N ASN D 152 -0.79 -53.84 0.73
CA ASN D 152 0.22 -53.89 -0.33
C ASN D 152 -0.48 -53.62 -1.65
N LEU D 153 -0.13 -52.51 -2.30
CA LEU D 153 -0.74 -52.10 -3.56
C LEU D 153 0.27 -52.24 -4.69
N SER D 154 -0.25 -52.57 -5.87
CA SER D 154 0.54 -52.64 -7.11
C SER D 154 -0.05 -51.62 -8.08
N VAL D 155 0.57 -50.45 -8.16
CA VAL D 155 0.06 -49.34 -8.96
C VAL D 155 0.86 -49.25 -10.25
N ILE D 157 0.93 -47.04 -13.90
CA ILE D 157 0.43 -45.84 -14.56
C ILE D 157 0.71 -45.94 -16.04
N THR D 158 -0.35 -45.96 -16.85
CA THR D 158 -0.22 -45.98 -18.29
C THR D 158 -1.33 -45.12 -18.89
N GLY D 159 -0.94 -44.12 -19.68
CA GLY D 159 -1.93 -43.27 -20.30
C GLY D 159 -2.70 -42.47 -19.26
N THR D 160 -4.03 -42.44 -19.40
CA THR D 160 -4.90 -41.72 -18.49
C THR D 160 -5.49 -42.62 -17.42
N SER D 161 -4.98 -43.84 -17.26
CA SER D 161 -5.54 -44.80 -16.32
C SER D 161 -4.48 -45.22 -15.31
N ILE D 162 -4.94 -45.50 -14.09
CA ILE D 162 -4.12 -46.05 -13.03
C ILE D 162 -4.71 -47.40 -12.66
N PHE D 163 -3.90 -48.45 -12.77
CA PHE D 163 -4.34 -49.81 -12.48
C PHE D 163 -3.79 -50.21 -11.12
N VAL D 164 -4.69 -50.38 -10.16
CA VAL D 164 -4.33 -50.72 -8.78
C VAL D 164 -4.72 -52.18 -8.53
N ASP D 165 -3.76 -52.96 -8.02
CA ASP D 165 -3.97 -54.35 -7.65
C ASP D 165 -3.82 -54.48 -6.14
N VAL D 166 -4.85 -55.02 -5.48
CA VAL D 166 -4.89 -55.13 -4.03
C VAL D 166 -5.81 -56.25 -3.60
N ASN D 167 -5.34 -57.11 -2.69
CA ASN D 167 -6.12 -58.22 -2.15
C ASN D 167 -6.69 -59.10 -3.27
N ASP D 168 -5.85 -59.37 -4.28
CA ASP D 168 -6.22 -60.15 -5.45
C ASP D 168 -7.36 -59.51 -6.24
N GLN D 169 -7.52 -58.19 -6.11
CA GLN D 169 -8.54 -57.44 -6.84
C GLN D 169 -7.86 -56.35 -7.64
N HIS D 170 -8.20 -56.26 -8.92
CA HIS D 170 -7.62 -55.27 -9.82
C HIS D 170 -8.69 -54.25 -10.21
N VAL D 171 -8.32 -52.98 -10.15
CA VAL D 171 -9.24 -51.88 -10.41
C VAL D 171 -8.53 -50.85 -11.27
N GLU D 172 -9.21 -50.36 -12.31
CA GLU D 172 -8.69 -49.29 -13.16
C GLU D 172 -9.24 -47.96 -12.68
N VAL D 173 -8.34 -47.01 -12.41
CA VAL D 173 -8.70 -45.68 -11.95
C VAL D 173 -8.36 -44.70 -13.07
N THR D 174 -9.37 -44.23 -13.79
CA THR D 174 -9.13 -43.30 -14.88
C THR D 174 -8.81 -41.92 -14.33
N VAL D 175 -7.98 -41.19 -15.07
CA VAL D 175 -7.55 -39.85 -14.70
C VAL D 175 -7.90 -38.92 -15.86
N LYS D 176 -9.04 -38.24 -15.76
CA LYS D 176 -9.46 -37.30 -16.78
C LYS D 176 -8.92 -35.91 -16.48
N GLU D 177 -8.44 -35.23 -17.52
CA GLU D 177 -7.83 -33.92 -17.37
C GLU D 177 -8.87 -32.83 -17.67
N LEU D 178 -8.92 -31.83 -16.81
CA LEU D 178 -9.84 -30.70 -16.98
C LEU D 178 -9.16 -29.41 -17.41
N GLN D 179 -7.92 -29.18 -16.98
CA GLN D 179 -7.18 -27.98 -17.33
C GLN D 179 -5.69 -28.29 -17.32
N SER D 180 -4.98 -27.79 -18.32
CA SER D 180 -3.55 -28.01 -18.46
C SER D 180 -2.77 -26.75 -18.14
N HIS D 181 -1.46 -26.90 -18.00
CA HIS D 181 -0.56 -25.78 -17.79
C HIS D 181 0.88 -26.17 -18.11
#